data_9L77
#
_entry.id   9L77
#
_cell.length_a   58.406
_cell.length_b   106.039
_cell.length_c   94.024
_cell.angle_alpha   90.00
_cell.angle_beta   107.75
_cell.angle_gamma   90.00
#
_symmetry.space_group_name_H-M   'P 1 21 1'
#
loop_
_entity.id
_entity.type
_entity.pdbx_description
1 polymer Beta-lactamase
2 non-polymer '(3~{R})-3-[(3~{R})-6-fluoranyl-1-oxidanyl-3~{H}-2,1-benzoxaborol-3-yl]-2-methylidene-butanoic acid'
3 water water
#
_entity_poly.entity_id   1
_entity_poly.type   'polypeptide(L)'
_entity_poly.pdbx_seq_one_letter_code
;EWQENKSWNAHFTEHKSQGVVVLWNENKQQGFTNNLKRANQAFLPASTF(KCX)IPNSLIALDLGVVKDEHQVFKWDGQT
RDIATWNRDHNLITAMKYSVVPVYQEFARQIGEARMSKMLHAFDYGNEDISGNVDSFWLDGGIRISATEQISFLRKLYHN
KLHVSERSQRIVKQAMLTEANGDYIIRAKTGYSTRIEPKIGWWVGWVELDDNVWFFAMNMDMPTSDGLGLRQAITKEVLK
QEKIIP
;
_entity_poly.pdbx_strand_id   A,B,C,D
#
loop_
_chem_comp.id
_chem_comp.type
_chem_comp.name
_chem_comp.formula
A1EIQ non-polymer '(3~{R})-3-[(3~{R})-6-fluoranyl-1-oxidanyl-3~{H}-2,1-benzoxaborol-3-yl]-2-methylidene-butanoic acid' 'C12 H12 B F O4'
#
# COMPACT_ATOMS: atom_id res chain seq x y z
N TRP A 2 31.36 1.49 6.45
CA TRP A 2 31.77 0.11 6.67
C TRP A 2 33.07 0.07 7.46
N GLN A 3 33.19 -0.87 8.37
CA GLN A 3 34.43 -1.10 9.11
C GLN A 3 34.88 -2.54 8.92
N GLU A 4 36.17 -2.74 8.71
CA GLU A 4 36.76 -4.06 8.64
C GLU A 4 37.30 -4.44 10.01
N ASN A 5 36.99 -5.66 10.41
CA ASN A 5 37.42 -6.22 11.69
C ASN A 5 38.05 -7.58 11.39
N LYS A 6 39.37 -7.58 11.15
CA LYS A 6 40.08 -8.82 10.79
C LYS A 6 40.20 -9.80 11.94
N SER A 7 39.93 -9.37 13.18
CA SER A 7 40.00 -10.30 14.30
C SER A 7 39.04 -11.48 14.15
N TRP A 8 37.93 -11.30 13.40
CA TRP A 8 37.02 -12.41 13.22
C TRP A 8 37.63 -13.52 12.38
N ASN A 9 38.70 -13.22 11.63
CA ASN A 9 39.37 -14.28 10.90
C ASN A 9 39.82 -15.40 11.83
N ALA A 10 40.08 -15.08 13.10
CA ALA A 10 40.46 -16.10 14.07
C ALA A 10 39.43 -17.22 14.15
N HIS A 11 38.14 -16.88 14.02
CA HIS A 11 37.10 -17.89 14.11
C HIS A 11 37.08 -18.80 12.90
N PHE A 12 37.37 -18.27 11.72
CA PHE A 12 37.53 -19.12 10.54
C PHE A 12 38.78 -19.98 10.66
N THR A 13 39.91 -19.39 11.05
CA THR A 13 41.16 -20.12 11.10
C THR A 13 41.10 -21.26 12.11
N GLU A 14 40.38 -21.06 13.21
CA GLU A 14 40.20 -22.09 14.22
C GLU A 14 39.66 -23.39 13.63
N HIS A 15 38.89 -23.29 12.54
CA HIS A 15 38.29 -24.46 11.89
C HIS A 15 38.92 -24.75 10.53
N LYS A 16 40.13 -24.26 10.29
CA LYS A 16 40.82 -24.47 9.02
C LYS A 16 39.95 -24.05 7.84
N SER A 17 39.21 -22.96 8.02
CA SER A 17 38.25 -22.46 7.04
C SER A 17 38.60 -21.03 6.63
N GLN A 18 37.94 -20.58 5.57
CA GLN A 18 38.05 -19.20 5.11
C GLN A 18 36.66 -18.73 4.74
N GLY A 19 36.38 -17.47 5.03
CA GLY A 19 35.07 -16.94 4.64
C GLY A 19 34.90 -15.52 5.10
N VAL A 20 33.64 -15.07 5.05
CA VAL A 20 33.30 -13.72 5.44
C VAL A 20 32.04 -13.73 6.28
N VAL A 21 32.01 -12.91 7.30
CA VAL A 21 30.80 -12.54 8.01
C VAL A 21 30.59 -11.05 7.81
N VAL A 22 29.35 -10.67 7.52
CA VAL A 22 28.95 -9.28 7.39
C VAL A 22 27.83 -9.05 8.39
N LEU A 23 27.97 -8.00 9.18
CA LEU A 23 26.98 -7.57 10.16
C LEU A 23 26.53 -6.15 9.81
N TRP A 24 25.25 -5.87 10.04
CA TRP A 24 24.69 -4.54 9.88
C TRP A 24 23.88 -4.17 11.12
N ASN A 25 24.28 -3.09 11.78
CA ASN A 25 23.59 -2.57 12.97
C ASN A 25 22.50 -1.62 12.49
N GLU A 26 21.24 -2.05 12.57
CA GLU A 26 20.14 -1.28 11.98
C GLU A 26 19.99 0.10 12.63
N ASN A 27 20.03 0.17 13.96
CA ASN A 27 19.85 1.45 14.65
C ASN A 27 20.90 2.44 14.19
N LYS A 28 22.15 2.00 14.10
CA LYS A 28 23.27 2.89 13.80
C LYS A 28 23.58 3.02 12.32
N GLN A 29 22.97 2.19 11.47
CA GLN A 29 23.23 2.21 10.05
C GLN A 29 24.73 2.07 9.78
N GLN A 30 25.32 1.06 10.41
CA GLN A 30 26.75 0.80 10.34
C GLN A 30 26.98 -0.66 10.08
N GLY A 31 27.90 -0.95 9.16
CA GLY A 31 28.26 -2.31 8.82
C GLY A 31 29.67 -2.67 9.26
N PHE A 32 29.86 -3.96 9.52
CA PHE A 32 31.13 -4.50 9.93
C PHE A 32 31.39 -5.81 9.22
N THR A 33 32.63 -6.09 8.83
CA THR A 33 32.94 -7.36 8.20
C THR A 33 34.41 -7.66 8.40
N ASN A 34 34.78 -8.95 8.34
CA ASN A 34 36.19 -9.29 8.41
C ASN A 34 36.91 -9.15 7.09
N ASN A 35 36.20 -9.00 5.97
CA ASN A 35 36.83 -9.01 4.65
C ASN A 35 35.95 -8.19 3.72
N LEU A 36 36.29 -6.91 3.56
CA LEU A 36 35.51 -6.01 2.71
C LEU A 36 35.43 -6.50 1.27
N LYS A 37 36.45 -7.20 0.80
CA LYS A 37 36.44 -7.69 -0.57
C LYS A 37 35.45 -8.83 -0.72
N ARG A 38 35.58 -9.87 0.10
CA ARG A 38 34.68 -11.02 -0.02
C ARG A 38 33.25 -10.66 0.39
N ALA A 39 33.09 -9.66 1.28
CA ALA A 39 31.74 -9.20 1.65
C ALA A 39 30.95 -8.78 0.43
N ASN A 40 31.64 -8.30 -0.59
CA ASN A 40 31.01 -7.81 -1.80
C ASN A 40 31.21 -8.72 -3.00
N GLN A 41 31.67 -9.96 -2.78
CA GLN A 41 31.81 -10.94 -3.84
C GLN A 41 30.49 -11.67 -4.04
N ALA A 42 30.04 -11.76 -5.28
CA ALA A 42 28.74 -12.32 -5.58
C ALA A 42 28.85 -13.80 -5.93
N PHE A 43 28.06 -14.63 -5.26
CA PHE A 43 28.07 -16.07 -5.41
C PHE A 43 26.66 -16.56 -5.73
N LEU A 44 26.55 -17.79 -6.20
CA LEU A 44 25.26 -18.44 -6.28
C LEU A 44 24.61 -18.41 -4.90
N PRO A 45 23.31 -18.11 -4.79
CA PRO A 45 22.67 -18.08 -3.46
C PRO A 45 22.33 -19.45 -2.90
N ALA A 46 22.25 -20.47 -3.74
CA ALA A 46 21.80 -21.82 -3.35
C ALA A 46 20.51 -21.66 -2.54
N SER A 47 20.37 -22.38 -1.44
CA SER A 47 19.08 -22.42 -0.77
C SER A 47 18.75 -21.14 0.00
N THR A 48 19.63 -20.14 0.09
CA THR A 48 19.18 -18.84 0.59
C THR A 48 18.16 -18.23 -0.37
N PHE A 49 18.12 -18.72 -1.61
CA PHE A 49 17.10 -18.29 -2.58
C PHE A 49 15.70 -18.72 -2.18
N KCX A 50 15.57 -19.65 -1.23
CA KCX A 50 14.25 -20.03 -0.72
CB KCX A 50 14.31 -21.24 0.22
CG KCX A 50 14.69 -22.50 -0.58
CD KCX A 50 14.75 -23.79 0.24
CE KCX A 50 14.94 -25.04 -0.63
NZ KCX A 50 16.28 -25.07 -1.18
C KCX A 50 13.57 -18.84 -0.10
O KCX A 50 12.31 -18.86 -0.03
CX KCX A 50 16.56 -24.74 -2.44
OQ1 KCX A 50 15.71 -24.44 -3.27
OQ2 KCX A 50 17.86 -24.72 -2.75
H KCX A 50 15.85 -18.68 -1.18
HA KCX A 50 13.65 -20.35 -1.59
HB2 KCX A 50 13.35 -21.38 0.70
HB3 KCX A 50 15.07 -21.07 0.99
HG2 KCX A 50 15.66 -22.33 -1.05
HG3 KCX A 50 13.95 -22.62 -1.39
HD2 KCX A 50 13.83 -23.89 0.81
HD3 KCX A 50 15.58 -23.73 0.95
HE2 KCX A 50 14.20 -25.03 -1.44
HE3 KCX A 50 14.77 -25.94 -0.03
HZ KCX A 50 17.03 -25.31 -0.55
HQ2 KCX A 50 17.96 -24.48 -3.68
N ILE A 51 14.27 -17.82 0.35
CA ILE A 51 13.60 -16.62 0.90
C ILE A 51 12.80 -15.89 -0.21
N PRO A 52 13.47 -15.39 -1.26
CA PRO A 52 12.68 -14.74 -2.33
C PRO A 52 11.72 -15.69 -3.01
N ASN A 53 12.11 -16.95 -3.24
CA ASN A 53 11.21 -17.89 -3.89
C ASN A 53 9.95 -18.07 -3.06
N SER A 54 10.07 -18.15 -1.73
CA SER A 54 8.88 -18.27 -0.90
C SER A 54 8.00 -17.03 -1.06
N LEU A 55 8.59 -15.84 -1.03
CA LEU A 55 7.81 -14.63 -1.10
C LEU A 55 7.03 -14.56 -2.41
N ILE A 56 7.69 -14.90 -3.51
CA ILE A 56 7.03 -14.84 -4.81
C ILE A 56 5.93 -15.89 -4.89
N ALA A 57 6.22 -17.11 -4.47
CA ALA A 57 5.20 -18.16 -4.46
C ALA A 57 3.97 -17.76 -3.66
N LEU A 58 4.16 -17.16 -2.48
CA LEU A 58 3.00 -16.74 -1.69
C LEU A 58 2.25 -15.60 -2.38
N ASP A 59 2.97 -14.63 -2.94
CA ASP A 59 2.29 -13.48 -3.50
C ASP A 59 1.53 -13.82 -4.77
N LEU A 60 1.98 -14.83 -5.50
CA LEU A 60 1.30 -15.29 -6.71
C LEU A 60 0.31 -16.40 -6.45
N GLY A 61 0.13 -16.81 -5.19
CA GLY A 61 -0.84 -17.83 -4.87
C GLY A 61 -0.40 -19.24 -5.16
N VAL A 62 0.86 -19.45 -5.54
CA VAL A 62 1.39 -20.81 -5.70
C VAL A 62 1.37 -21.53 -4.37
N VAL A 63 1.68 -20.81 -3.30
CA VAL A 63 1.54 -21.29 -1.93
C VAL A 63 0.40 -20.48 -1.32
N LYS A 64 -0.62 -21.19 -0.80
CA LYS A 64 -1.79 -20.52 -0.24
C LYS A 64 -1.52 -20.02 1.16
N ASP A 65 -0.89 -20.84 2.00
CA ASP A 65 -0.52 -20.44 3.35
C ASP A 65 0.54 -21.42 3.85
N GLU A 66 0.98 -21.21 5.09
CA GLU A 66 2.08 -22.00 5.65
C GLU A 66 1.66 -23.41 6.07
N HIS A 67 0.38 -23.75 5.93
CA HIS A 67 -0.12 -25.08 6.26
C HIS A 67 -0.35 -25.96 5.05
N GLN A 68 -0.40 -25.37 3.85
CA GLN A 68 -0.67 -26.15 2.65
C GLN A 68 0.39 -27.24 2.49
N VAL A 69 -0.06 -28.44 2.14
CA VAL A 69 0.82 -29.62 2.07
C VAL A 69 1.26 -29.84 0.63
N PHE A 70 2.55 -29.97 0.45
CA PHE A 70 3.14 -30.31 -0.84
C PHE A 70 3.56 -31.77 -0.73
N LYS A 71 2.81 -32.64 -1.40
CA LYS A 71 3.02 -34.07 -1.26
C LYS A 71 4.32 -34.49 -1.92
N TRP A 72 5.03 -35.40 -1.27
CA TRP A 72 6.23 -35.99 -1.83
C TRP A 72 5.91 -36.62 -3.18
N ASP A 73 6.79 -36.42 -4.15
CA ASP A 73 6.58 -36.97 -5.48
C ASP A 73 6.96 -38.44 -5.58
N GLY A 74 7.42 -39.06 -4.48
CA GLY A 74 7.71 -40.49 -4.46
C GLY A 74 9.08 -40.87 -4.95
N GLN A 75 9.90 -39.91 -5.39
CA GLN A 75 11.27 -40.17 -5.79
C GLN A 75 12.15 -40.08 -4.55
N THR A 76 12.87 -41.17 -4.26
CA THR A 76 13.71 -41.23 -3.08
C THR A 76 15.01 -40.48 -3.35
N ARG A 77 15.28 -39.46 -2.54
CA ARG A 77 16.47 -38.64 -2.66
C ARG A 77 17.36 -38.88 -1.44
N ASP A 78 18.61 -38.40 -1.54
CA ASP A 78 19.63 -38.76 -0.55
C ASP A 78 19.36 -38.16 0.82
N ILE A 79 18.69 -37.01 0.90
CA ILE A 79 18.40 -36.38 2.17
C ILE A 79 17.05 -36.90 2.64
N ALA A 80 17.06 -37.72 3.69
CA ALA A 80 15.89 -38.50 4.05
C ALA A 80 14.70 -37.61 4.38
N THR A 81 14.94 -36.45 5.02
CA THR A 81 13.82 -35.59 5.38
C THR A 81 13.09 -35.02 4.18
N TRP A 82 13.70 -35.08 2.98
CA TRP A 82 13.01 -34.66 1.78
C TRP A 82 11.99 -35.68 1.28
N ASN A 83 12.06 -36.91 1.76
CA ASN A 83 11.25 -38.02 1.23
C ASN A 83 9.93 -38.16 1.97
N ARG A 84 9.19 -37.06 2.06
CA ARG A 84 7.96 -36.97 2.85
C ARG A 84 7.22 -35.70 2.42
N ASP A 85 5.97 -35.59 2.85
CA ASP A 85 5.19 -34.39 2.59
C ASP A 85 5.72 -33.22 3.43
N HIS A 86 5.57 -32.00 2.89
CA HIS A 86 6.07 -30.80 3.54
C HIS A 86 5.05 -29.68 3.46
N ASN A 87 5.13 -28.76 4.42
CA ASN A 87 4.50 -27.46 4.26
C ASN A 87 5.60 -26.41 4.18
N LEU A 88 5.22 -25.13 4.11
CA LEU A 88 6.24 -24.08 3.93
C LEU A 88 7.21 -24.06 5.11
N ILE A 89 6.72 -24.28 6.33
CA ILE A 89 7.58 -24.23 7.51
C ILE A 89 8.63 -25.34 7.44
N THR A 90 8.19 -26.57 7.17
CA THR A 90 9.13 -27.69 7.17
C THR A 90 9.99 -27.68 5.92
N ALA A 91 9.46 -27.20 4.79
CA ALA A 91 10.26 -27.11 3.57
C ALA A 91 11.41 -26.13 3.74
N MET A 92 11.19 -25.03 4.48
CA MET A 92 12.30 -24.13 4.80
C MET A 92 13.28 -24.79 5.76
N LYS A 93 12.75 -25.39 6.82
CA LYS A 93 13.57 -25.99 7.87
C LYS A 93 14.51 -27.04 7.30
N TYR A 94 14.00 -27.94 6.46
CA TYR A 94 14.78 -29.04 5.89
C TYR A 94 15.31 -28.71 4.51
N SER A 95 15.08 -27.49 4.04
CA SER A 95 15.66 -26.97 2.81
C SER A 95 15.35 -27.90 1.63
N VAL A 96 14.06 -28.10 1.41
CA VAL A 96 13.57 -29.17 0.53
C VAL A 96 13.55 -28.66 -0.91
N VAL A 97 14.68 -28.83 -1.57
CA VAL A 97 14.88 -28.36 -2.94
C VAL A 97 13.74 -28.73 -3.88
N PRO A 98 13.30 -29.99 -3.99
CA PRO A 98 12.31 -30.31 -5.03
C PRO A 98 10.99 -29.59 -4.85
N VAL A 99 10.63 -29.25 -3.61
CA VAL A 99 9.41 -28.48 -3.39
C VAL A 99 9.54 -27.10 -4.04
N TYR A 100 10.71 -26.47 -3.84
CA TYR A 100 10.98 -25.14 -4.37
C TYR A 100 11.20 -25.15 -5.88
N GLN A 101 11.71 -26.25 -6.42
CA GLN A 101 11.83 -26.38 -7.87
C GLN A 101 10.46 -26.35 -8.52
N GLU A 102 9.49 -27.05 -7.92
CA GLU A 102 8.13 -27.01 -8.42
C GLU A 102 7.51 -25.62 -8.27
N PHE A 103 7.75 -24.94 -7.15
CA PHE A 103 7.27 -23.56 -7.04
C PHE A 103 7.80 -22.74 -8.22
N ALA A 104 9.09 -22.88 -8.53
CA ALA A 104 9.70 -22.03 -9.55
C ALA A 104 9.11 -22.31 -10.92
N ARG A 105 8.79 -23.58 -11.21
CA ARG A 105 8.15 -23.92 -12.47
C ARG A 105 6.77 -23.26 -12.57
N GLN A 106 6.03 -23.25 -11.47
CA GLN A 106 4.71 -22.66 -11.46
C GLN A 106 4.79 -21.14 -11.58
N ILE A 107 5.79 -20.53 -10.94
CA ILE A 107 6.00 -19.10 -11.06
C ILE A 107 6.31 -18.74 -12.50
N GLY A 108 7.24 -19.46 -13.10
CA GLY A 108 7.65 -19.26 -14.48
C GLY A 108 8.72 -18.20 -14.63
N GLU A 109 9.44 -18.27 -15.75
CA GLU A 109 10.62 -17.40 -15.87
C GLU A 109 10.26 -15.92 -15.99
N ALA A 110 9.16 -15.57 -16.68
CA ALA A 110 8.85 -14.16 -16.86
C ALA A 110 8.55 -13.48 -15.52
N ARG A 111 7.72 -14.14 -14.69
CA ARG A 111 7.37 -13.55 -13.41
C ARG A 111 8.54 -13.61 -12.44
N MET A 112 9.34 -14.68 -12.50
CA MET A 112 10.50 -14.77 -11.61
C MET A 112 11.45 -13.61 -11.89
N SER A 113 11.73 -13.35 -13.17
CA SER A 113 12.64 -12.29 -13.52
C SER A 113 12.11 -10.92 -13.10
N LYS A 114 10.82 -10.67 -13.34
CA LYS A 114 10.26 -9.38 -12.96
C LYS A 114 10.31 -9.18 -11.45
N MET A 115 10.04 -10.25 -10.71
CA MET A 115 10.08 -10.16 -9.25
C MET A 115 11.48 -9.91 -8.72
N LEU A 116 12.50 -10.59 -9.27
CA LEU A 116 13.85 -10.33 -8.78
C LEU A 116 14.34 -8.93 -9.13
N HIS A 117 13.90 -8.38 -10.28
CA HIS A 117 14.19 -6.98 -10.55
C HIS A 117 13.48 -6.07 -9.54
N ALA A 118 12.20 -6.34 -9.25
CA ALA A 118 11.49 -5.54 -8.26
C ALA A 118 12.14 -5.59 -6.88
N PHE A 119 12.71 -6.74 -6.52
CA PHE A 119 13.41 -6.92 -5.25
C PHE A 119 14.84 -6.37 -5.28
N ASP A 120 15.35 -5.90 -6.43
CA ASP A 120 16.75 -5.44 -6.53
C ASP A 120 17.75 -6.53 -6.10
N TYR A 121 17.42 -7.78 -6.42
CA TYR A 121 18.07 -8.96 -5.85
C TYR A 121 19.34 -9.31 -6.63
N GLY A 122 20.49 -9.08 -6.01
CA GLY A 122 21.75 -9.50 -6.61
C GLY A 122 21.94 -8.93 -7.99
N ASN A 123 22.41 -9.78 -8.91
CA ASN A 123 22.60 -9.35 -10.28
C ASN A 123 21.35 -9.52 -11.14
N GLU A 124 20.24 -9.99 -10.56
CA GLU A 124 18.92 -10.02 -11.20
C GLU A 124 18.87 -10.91 -12.43
N ASP A 125 19.83 -11.84 -12.58
CA ASP A 125 20.01 -12.66 -13.78
C ASP A 125 19.53 -14.06 -13.44
N ILE A 126 18.45 -14.50 -14.08
CA ILE A 126 17.93 -15.85 -13.86
C ILE A 126 18.31 -16.82 -14.98
N SER A 127 19.33 -16.50 -15.77
CA SER A 127 19.71 -17.40 -16.85
C SER A 127 20.00 -18.80 -16.32
N GLY A 128 19.64 -19.82 -17.12
CA GLY A 128 19.67 -21.20 -16.71
C GLY A 128 18.29 -21.81 -16.69
N ASN A 129 18.20 -22.97 -16.06
CA ASN A 129 16.91 -23.66 -15.94
C ASN A 129 16.04 -22.90 -14.96
N VAL A 130 14.75 -22.76 -15.29
CA VAL A 130 13.85 -22.04 -14.38
C VAL A 130 13.82 -22.69 -13.03
N ASP A 131 14.02 -24.02 -12.97
CA ASP A 131 13.94 -24.76 -11.72
C ASP A 131 15.29 -25.09 -11.10
N SER A 132 16.37 -24.46 -11.55
CA SER A 132 17.65 -24.64 -10.88
C SER A 132 18.62 -23.47 -11.01
N PHE A 133 18.21 -22.30 -11.51
CA PHE A 133 19.18 -21.24 -11.78
C PHE A 133 19.89 -20.76 -10.51
N TRP A 134 19.26 -20.89 -9.36
CA TRP A 134 19.87 -20.49 -8.10
C TRP A 134 20.87 -21.52 -7.59
N LEU A 135 20.98 -22.66 -8.26
CA LEU A 135 21.92 -23.73 -7.96
C LEU A 135 23.02 -23.85 -8.98
N ASP A 136 22.71 -23.61 -10.28
CA ASP A 136 23.72 -23.80 -11.32
C ASP A 136 23.49 -22.88 -12.53
N GLY A 137 22.75 -21.79 -12.35
CA GLY A 137 22.57 -20.79 -13.39
C GLY A 137 23.31 -19.50 -13.16
N GLY A 138 22.70 -18.38 -13.57
CA GLY A 138 23.40 -17.11 -13.65
C GLY A 138 23.25 -16.17 -12.48
N ILE A 139 22.37 -16.47 -11.52
CA ILE A 139 22.07 -15.52 -10.45
C ILE A 139 23.23 -15.47 -9.45
N ARG A 140 23.69 -14.27 -9.14
CA ARG A 140 24.79 -14.06 -8.20
C ARG A 140 24.43 -12.95 -7.23
N ILE A 141 24.75 -13.17 -5.95
CA ILE A 141 24.46 -12.19 -4.92
C ILE A 141 25.59 -12.20 -3.88
N SER A 142 25.96 -11.02 -3.42
CA SER A 142 27.00 -10.90 -2.41
C SER A 142 26.37 -10.87 -1.02
N ALA A 143 27.23 -11.00 -0.01
CA ALA A 143 26.76 -10.93 1.37
C ALA A 143 26.14 -9.57 1.70
N THR A 144 26.76 -8.48 1.23
CA THR A 144 26.17 -7.17 1.51
C THR A 144 24.85 -7.01 0.77
N GLU A 145 24.73 -7.58 -0.44
CA GLU A 145 23.46 -7.55 -1.18
C GLU A 145 22.39 -8.36 -0.48
N GLN A 146 22.76 -9.47 0.14
CA GLN A 146 21.78 -10.23 0.93
C GLN A 146 21.26 -9.37 2.07
N ILE A 147 22.15 -8.62 2.72
CA ILE A 147 21.69 -7.75 3.79
C ILE A 147 20.71 -6.71 3.26
N SER A 148 21.02 -6.05 2.14
CA SER A 148 20.09 -5.04 1.61
C SER A 148 18.70 -5.63 1.41
N PHE A 149 18.66 -6.83 0.83
CA PHE A 149 17.39 -7.51 0.58
C PHE A 149 16.67 -7.88 1.88
N LEU A 150 17.41 -8.41 2.85
CA LEU A 150 16.81 -8.81 4.11
C LEU A 150 16.27 -7.60 4.86
N ARG A 151 16.96 -6.45 4.77
CA ARG A 151 16.44 -5.27 5.46
C ARG A 151 15.07 -4.88 4.93
N LYS A 152 14.89 -4.97 3.62
CA LYS A 152 13.58 -4.66 3.04
C LYS A 152 12.54 -5.63 3.56
N LEU A 153 12.89 -6.91 3.63
CA LEU A 153 11.96 -7.91 4.14
C LEU A 153 11.59 -7.60 5.59
N TYR A 154 12.59 -7.27 6.41
CA TYR A 154 12.30 -6.99 7.81
C TYR A 154 11.26 -5.88 7.96
N HIS A 155 11.40 -4.83 7.14
CA HIS A 155 10.56 -3.64 7.22
C HIS A 155 9.30 -3.73 6.35
N ASN A 156 9.01 -4.91 5.78
CA ASN A 156 7.84 -5.12 4.92
C ASN A 156 7.85 -4.21 3.70
N LYS A 157 9.05 -3.90 3.19
CA LYS A 157 9.20 -2.95 2.10
C LYS A 157 9.44 -3.59 0.74
N LEU A 158 9.46 -4.92 0.65
CA LEU A 158 9.58 -5.53 -0.67
C LEU A 158 8.25 -5.40 -1.42
N HIS A 159 8.32 -5.57 -2.74
CA HIS A 159 7.21 -5.38 -3.67
C HIS A 159 6.33 -6.63 -3.73
N VAL A 160 5.86 -7.04 -2.54
CA VAL A 160 4.90 -8.12 -2.33
C VAL A 160 4.05 -7.69 -1.14
N SER A 161 3.03 -8.47 -0.85
CA SER A 161 2.11 -8.07 0.22
C SER A 161 2.77 -8.17 1.60
N GLU A 162 2.15 -7.46 2.56
CA GLU A 162 2.54 -7.58 3.96
C GLU A 162 2.37 -9.01 4.43
N ARG A 163 1.25 -9.65 4.08
CA ARG A 163 1.01 -11.02 4.53
C ARG A 163 2.12 -11.95 4.06
N SER A 164 2.51 -11.86 2.78
CA SER A 164 3.55 -12.74 2.27
C SER A 164 4.85 -12.55 3.05
N GLN A 165 5.19 -11.30 3.35
CA GLN A 165 6.41 -11.02 4.08
C GLN A 165 6.33 -11.56 5.50
N ARG A 166 5.19 -11.38 6.17
CA ARG A 166 5.04 -11.93 7.52
C ARG A 166 5.17 -13.46 7.50
N ILE A 167 4.51 -14.13 6.56
CA ILE A 167 4.57 -15.59 6.52
C ILE A 167 6.01 -16.07 6.30
N VAL A 168 6.75 -15.43 5.39
CA VAL A 168 8.12 -15.87 5.17
C VAL A 168 8.99 -15.64 6.40
N LYS A 169 8.80 -14.51 7.09
CA LYS A 169 9.58 -14.27 8.31
C LYS A 169 9.25 -15.31 9.39
N GLN A 170 8.00 -15.73 9.48
CA GLN A 170 7.64 -16.84 10.37
C GLN A 170 8.40 -18.11 9.97
N ALA A 171 8.41 -18.40 8.68
CA ALA A 171 9.04 -19.61 8.18
C ALA A 171 10.57 -19.56 8.29
N MET A 172 11.15 -18.37 8.42
CA MET A 172 12.58 -18.22 8.67
C MET A 172 12.96 -18.43 10.12
N LEU A 173 11.98 -18.57 11.01
CA LEU A 173 12.32 -18.68 12.43
C LEU A 173 13.29 -19.84 12.64
N THR A 174 14.43 -19.55 13.26
CA THR A 174 15.46 -20.56 13.49
C THR A 174 15.75 -20.79 14.97
N GLU A 175 15.85 -19.74 15.77
CA GLU A 175 16.18 -19.89 17.18
C GLU A 175 15.56 -18.73 17.95
N ALA A 176 15.08 -19.01 19.15
CA ALA A 176 14.60 -17.95 20.00
C ALA A 176 14.74 -18.36 21.45
N ASN A 177 15.04 -17.37 22.28
CA ASN A 177 15.07 -17.55 23.72
C ASN A 177 14.84 -16.18 24.34
N GLY A 178 15.06 -16.07 25.64
CA GLY A 178 14.81 -14.78 26.25
C GLY A 178 15.84 -13.70 25.99
N ASP A 179 16.88 -13.99 25.21
CA ASP A 179 17.89 -12.99 24.88
C ASP A 179 17.83 -12.53 23.43
N TYR A 180 17.33 -13.37 22.51
CA TYR A 180 17.37 -13.01 21.09
C TYR A 180 16.45 -13.91 20.29
N ILE A 181 16.18 -13.47 19.07
CA ILE A 181 15.47 -14.26 18.06
C ILE A 181 16.30 -14.23 16.79
N ILE A 182 16.56 -15.39 16.21
CA ILE A 182 17.23 -15.49 14.91
C ILE A 182 16.23 -15.95 13.87
N ARG A 183 16.11 -15.18 12.78
CA ARG A 183 15.37 -15.58 11.59
C ARG A 183 16.40 -15.63 10.48
N ALA A 184 16.48 -16.76 9.77
CA ALA A 184 17.61 -16.95 8.86
C ALA A 184 17.32 -18.09 7.91
N LYS A 185 18.19 -18.20 6.89
CA LYS A 185 18.17 -19.34 5.98
C LYS A 185 19.60 -19.73 5.61
N THR A 186 19.87 -21.04 5.62
CA THR A 186 21.15 -21.59 5.20
C THR A 186 21.18 -21.80 3.69
N GLY A 187 22.40 -21.92 3.17
CA GLY A 187 22.60 -22.32 1.79
C GLY A 187 23.87 -23.10 1.62
N TYR A 188 23.88 -23.96 0.61
CA TYR A 188 25.03 -24.82 0.30
C TYR A 188 25.10 -24.89 -1.22
N SER A 189 26.12 -24.28 -1.79
CA SER A 189 26.33 -24.23 -3.24
C SER A 189 27.45 -25.23 -3.58
N THR A 190 27.05 -26.37 -4.19
CA THR A 190 27.99 -27.44 -4.53
C THR A 190 28.13 -27.73 -6.01
N ARG A 191 27.24 -27.19 -6.85
CA ARG A 191 27.21 -27.62 -8.24
C ARG A 191 28.25 -26.90 -9.09
N ILE A 192 28.64 -25.70 -8.69
CA ILE A 192 29.53 -24.84 -9.44
C ILE A 192 30.57 -24.31 -8.47
N GLU A 193 31.84 -24.30 -8.89
CA GLU A 193 32.88 -23.83 -7.99
C GLU A 193 32.75 -22.31 -7.88
N PRO A 194 33.16 -21.75 -6.72
CA PRO A 194 33.71 -22.47 -5.57
C PRO A 194 32.61 -23.03 -4.67
N LYS A 195 32.78 -24.23 -4.11
CA LYS A 195 31.77 -24.75 -3.21
C LYS A 195 31.77 -23.92 -1.94
N ILE A 196 30.60 -23.40 -1.55
CA ILE A 196 30.49 -22.52 -0.40
C ILE A 196 29.24 -22.85 0.41
N GLY A 197 29.28 -22.45 1.67
CA GLY A 197 28.10 -22.44 2.52
C GLY A 197 27.71 -21.00 2.85
N TRP A 198 26.42 -20.78 3.07
CA TRP A 198 25.86 -19.49 3.44
C TRP A 198 25.02 -19.62 4.71
N TRP A 199 24.95 -18.53 5.47
CA TRP A 199 23.88 -18.34 6.43
C TRP A 199 23.54 -16.86 6.41
N VAL A 200 22.26 -16.53 6.19
CA VAL A 200 21.85 -15.13 6.09
C VAL A 200 20.57 -14.95 6.88
N GLY A 201 20.44 -13.77 7.50
CA GLY A 201 19.26 -13.49 8.30
C GLY A 201 19.48 -12.31 9.22
N TRP A 202 18.87 -12.37 10.41
CA TRP A 202 19.07 -11.31 11.37
C TRP A 202 18.83 -11.83 12.79
N VAL A 203 19.32 -11.04 13.74
CA VAL A 203 19.13 -11.24 15.17
C VAL A 203 18.28 -10.09 15.70
N GLU A 204 17.10 -10.41 16.23
CA GLU A 204 16.23 -9.42 16.86
C GLU A 204 16.56 -9.34 18.33
N LEU A 205 16.87 -8.12 18.77
CA LEU A 205 17.01 -7.80 20.18
C LEU A 205 15.86 -6.91 20.63
N ASP A 206 15.81 -6.62 21.93
CA ASP A 206 14.72 -5.79 22.43
C ASP A 206 14.67 -4.44 21.73
N ASP A 207 15.86 -3.83 21.46
CA ASP A 207 15.93 -2.45 21.04
C ASP A 207 16.72 -2.24 19.75
N ASN A 208 17.05 -3.31 19.03
CA ASN A 208 17.83 -3.20 17.81
C ASN A 208 17.65 -4.49 17.04
N VAL A 209 18.06 -4.44 15.78
CA VAL A 209 18.21 -5.65 14.98
C VAL A 209 19.54 -5.62 14.27
N TRP A 210 20.20 -6.77 14.27
CA TRP A 210 21.50 -6.94 13.63
C TRP A 210 21.31 -7.90 12.47
N PHE A 211 21.48 -7.40 11.26
CA PHE A 211 21.40 -8.25 10.08
C PHE A 211 22.75 -8.92 9.88
N PHE A 212 22.73 -10.14 9.37
CA PHE A 212 23.96 -10.85 9.07
C PHE A 212 23.88 -11.60 7.75
N ALA A 213 25.03 -11.75 7.11
CA ALA A 213 25.18 -12.63 5.97
C ALA A 213 26.60 -13.13 6.02
N MET A 214 26.77 -14.45 5.99
CA MET A 214 28.10 -15.04 5.93
C MET A 214 28.15 -16.07 4.81
N ASN A 215 29.35 -16.21 4.21
CA ASN A 215 29.61 -17.39 3.40
C ASN A 215 31.03 -17.86 3.69
N MET A 216 31.27 -19.13 3.36
CA MET A 216 32.56 -19.75 3.68
C MET A 216 32.82 -20.88 2.69
N ASP A 217 34.10 -21.14 2.43
CA ASP A 217 34.45 -22.26 1.60
C ASP A 217 33.96 -23.57 2.24
N MET A 218 33.42 -24.46 1.41
CA MET A 218 32.76 -25.68 1.90
C MET A 218 33.12 -26.84 0.99
N PRO A 219 34.35 -27.34 1.08
CA PRO A 219 34.81 -28.39 0.15
C PRO A 219 34.08 -29.71 0.32
N THR A 220 33.56 -29.99 1.51
CA THR A 220 32.71 -31.16 1.73
C THR A 220 31.58 -30.78 2.69
N SER A 221 30.57 -31.64 2.71
CA SER A 221 29.41 -31.41 3.57
C SER A 221 29.71 -31.53 5.06
N ASP A 222 30.90 -32.02 5.46
CA ASP A 222 31.17 -32.24 6.87
C ASP A 222 31.20 -30.94 7.66
N GLY A 223 31.47 -29.82 7.01
CA GLY A 223 31.59 -28.55 7.67
C GLY A 223 30.33 -27.70 7.69
N LEU A 224 29.17 -28.25 7.33
CA LEU A 224 28.00 -27.39 7.22
C LEU A 224 27.65 -26.69 8.54
N GLY A 225 27.85 -27.37 9.67
CA GLY A 225 27.54 -26.77 10.95
C GLY A 225 28.42 -25.57 11.29
N LEU A 226 29.55 -25.42 10.60
CA LEU A 226 30.40 -24.27 10.83
C LEU A 226 29.75 -22.97 10.36
N ARG A 227 28.77 -23.04 9.46
CA ARG A 227 28.10 -21.83 9.03
C ARG A 227 27.51 -21.11 10.23
N GLN A 228 26.75 -21.83 11.05
CA GLN A 228 26.13 -21.24 12.23
C GLN A 228 27.15 -21.05 13.34
N ALA A 229 28.06 -22.00 13.54
CA ALA A 229 29.00 -21.89 14.66
C ALA A 229 29.88 -20.65 14.53
N ILE A 230 30.48 -20.43 13.34
CA ILE A 230 31.37 -19.29 13.14
C ILE A 230 30.59 -17.99 13.28
N THR A 231 29.38 -17.93 12.71
CA THR A 231 28.58 -16.73 12.86
C THR A 231 28.33 -16.42 14.32
N LYS A 232 27.95 -17.44 15.11
CA LYS A 232 27.68 -17.24 16.53
C LYS A 232 28.93 -16.80 17.29
N GLU A 233 30.13 -17.29 16.93
CA GLU A 233 31.34 -16.76 17.55
C GLU A 233 31.50 -15.27 17.31
N VAL A 234 31.20 -14.79 16.09
CA VAL A 234 31.27 -13.36 15.80
C VAL A 234 30.21 -12.61 16.59
N LEU A 235 28.98 -13.11 16.58
CA LEU A 235 27.91 -12.45 17.31
C LEU A 235 28.22 -12.37 18.81
N LYS A 236 28.81 -13.42 19.37
CA LYS A 236 29.22 -13.38 20.77
C LYS A 236 30.32 -12.35 20.99
N GLN A 237 31.34 -12.35 20.11
CA GLN A 237 32.43 -11.40 20.25
C GLN A 237 31.91 -9.96 20.25
N GLU A 238 30.90 -9.68 19.44
CA GLU A 238 30.37 -8.33 19.30
C GLU A 238 29.29 -8.04 20.33
N LYS A 239 29.07 -8.95 21.26
CA LYS A 239 28.14 -8.75 22.37
C LYS A 239 26.70 -8.65 21.89
N ILE A 240 26.41 -9.20 20.71
CA ILE A 240 25.05 -9.20 20.21
C ILE A 240 24.24 -10.31 20.88
N ILE A 241 24.85 -11.47 21.08
CA ILE A 241 24.26 -12.56 21.84
C ILE A 241 25.20 -12.88 22.99
N PRO A 242 24.69 -13.41 24.12
CA PRO A 242 25.54 -13.65 25.28
C PRO A 242 26.58 -14.71 25.00
N TRP B 2 -10.99 -36.64 27.61
CA TRP B 2 -9.94 -36.35 28.60
C TRP B 2 -9.51 -37.55 29.41
N GLN B 3 -8.20 -37.65 29.65
CA GLN B 3 -7.63 -38.69 30.48
C GLN B 3 -6.77 -38.07 31.58
N GLU B 4 -6.74 -38.73 32.74
CA GLU B 4 -5.98 -38.26 33.88
C GLU B 4 -4.71 -39.09 34.01
N ASN B 5 -3.57 -38.42 34.10
CA ASN B 5 -2.26 -39.07 34.26
C ASN B 5 -1.63 -38.52 35.54
N LYS B 6 -1.83 -39.24 36.65
CA LYS B 6 -1.35 -38.78 37.94
C LYS B 6 0.18 -38.87 38.07
N SER B 7 0.86 -39.59 37.17
CA SER B 7 2.31 -39.67 37.28
C SER B 7 2.97 -38.30 37.19
N TRP B 8 2.33 -37.34 36.54
CA TRP B 8 2.94 -36.02 36.44
C TRP B 8 3.02 -35.32 37.79
N ASN B 9 2.26 -35.78 38.78
CA ASN B 9 2.36 -35.21 40.12
C ASN B 9 3.78 -35.32 40.65
N ALA B 10 4.57 -36.28 40.17
CA ALA B 10 5.94 -36.40 40.62
C ALA B 10 6.73 -35.11 40.35
N HIS B 11 6.43 -34.42 39.24
CA HIS B 11 7.14 -33.20 38.94
C HIS B 11 6.73 -32.06 39.86
N PHE B 12 5.48 -32.01 40.28
CA PHE B 12 5.05 -31.06 41.30
C PHE B 12 5.68 -31.38 42.65
N THR B 13 5.60 -32.65 43.07
CA THR B 13 6.17 -33.07 44.36
C THR B 13 7.66 -32.78 44.42
N GLU B 14 8.37 -33.00 43.32
CA GLU B 14 9.81 -32.78 43.28
C GLU B 14 10.14 -31.35 43.66
N HIS B 15 9.31 -30.40 43.24
CA HIS B 15 9.50 -29.01 43.55
C HIS B 15 8.63 -28.54 44.71
N LYS B 16 8.06 -29.48 45.47
CA LYS B 16 7.28 -29.15 46.66
C LYS B 16 6.16 -28.17 46.30
N SER B 17 5.54 -28.43 45.17
CA SER B 17 4.54 -27.55 44.59
C SER B 17 3.24 -28.33 44.41
N GLN B 18 2.18 -27.59 44.10
CA GLN B 18 0.88 -28.15 43.79
C GLN B 18 0.32 -27.43 42.57
N GLY B 19 -0.27 -28.17 41.66
CA GLY B 19 -0.89 -27.53 40.51
C GLY B 19 -1.38 -28.53 39.49
N VAL B 20 -1.62 -28.01 38.27
CA VAL B 20 -2.19 -28.79 37.18
C VAL B 20 -1.47 -28.41 35.89
N VAL B 21 -1.19 -29.41 35.08
CA VAL B 21 -0.77 -29.25 33.69
C VAL B 21 -1.85 -29.91 32.86
N VAL B 22 -2.28 -29.22 31.81
CA VAL B 22 -3.23 -29.75 30.84
C VAL B 22 -2.56 -29.71 29.48
N LEU B 23 -2.57 -30.83 28.77
CA LEU B 23 -2.05 -30.94 27.42
C LEU B 23 -3.17 -31.35 26.48
N TRP B 24 -3.09 -30.85 25.24
CA TRP B 24 -4.03 -31.22 24.20
C TRP B 24 -3.27 -31.57 22.93
N ASN B 25 -3.44 -32.82 22.47
CA ASN B 25 -2.79 -33.31 21.26
C ASN B 25 -3.70 -32.96 20.09
N GLU B 26 -3.29 -32.02 19.26
CA GLU B 26 -4.17 -31.50 18.23
C GLU B 26 -4.51 -32.56 17.17
N ASN B 27 -3.52 -33.33 16.70
CA ASN B 27 -3.81 -34.35 15.69
C ASN B 27 -4.82 -35.35 16.21
N LYS B 28 -4.66 -35.77 17.45
CA LYS B 28 -5.51 -36.84 18.00
C LYS B 28 -6.79 -36.31 18.64
N GLN B 29 -6.90 -35.00 18.88
CA GLN B 29 -8.06 -34.43 19.56
C GLN B 29 -8.29 -35.13 20.89
N GLN B 30 -7.23 -35.22 21.70
CA GLN B 30 -7.27 -35.85 23.01
C GLN B 30 -6.55 -34.96 24.02
N GLY B 31 -7.12 -34.85 25.22
CA GLY B 31 -6.55 -34.08 26.29
C GLY B 31 -6.11 -34.95 27.46
N PHE B 32 -5.10 -34.44 28.18
CA PHE B 32 -4.43 -35.16 29.25
C PHE B 32 -4.12 -34.19 30.36
N THR B 33 -4.28 -34.63 31.61
CA THR B 33 -4.00 -33.78 32.74
C THR B 33 -3.72 -34.63 33.97
N ASN B 34 -2.96 -34.06 34.91
CA ASN B 34 -2.73 -34.74 36.18
C ASN B 34 -3.88 -34.56 37.17
N ASN B 35 -4.84 -33.68 36.90
CA ASN B 35 -5.84 -33.36 37.91
C ASN B 35 -7.06 -32.79 37.16
N LEU B 36 -8.01 -33.68 36.85
CA LEU B 36 -9.19 -33.27 36.10
C LEU B 36 -9.97 -32.17 36.82
N LYS B 37 -10.04 -32.24 38.15
CA LYS B 37 -10.82 -31.22 38.85
C LYS B 37 -10.17 -29.86 38.69
N ARG B 38 -8.87 -29.76 38.99
CA ARG B 38 -8.21 -28.46 38.93
C ARG B 38 -8.09 -27.97 37.50
N ALA B 39 -7.97 -28.87 36.53
CA ALA B 39 -7.98 -28.46 35.13
C ALA B 39 -9.22 -27.65 34.78
N ASN B 40 -10.33 -27.89 35.48
CA ASN B 40 -11.59 -27.22 35.19
C ASN B 40 -12.00 -26.22 36.28
N GLN B 41 -11.08 -25.81 37.13
CA GLN B 41 -11.33 -24.71 38.06
C GLN B 41 -10.87 -23.41 37.44
N ALA B 42 -11.69 -22.38 37.55
CA ALA B 42 -11.45 -21.10 36.92
C ALA B 42 -10.80 -20.12 37.88
N PHE B 43 -9.76 -19.44 37.40
CA PHE B 43 -9.00 -18.47 38.18
C PHE B 43 -8.89 -17.18 37.39
N LEU B 44 -8.50 -16.11 38.08
CA LEU B 44 -8.16 -14.90 37.36
C LEU B 44 -7.04 -15.21 36.37
N PRO B 45 -7.11 -14.66 35.15
CA PRO B 45 -6.05 -14.96 34.16
C PRO B 45 -4.77 -14.21 34.40
N ALA B 46 -4.84 -13.09 35.12
CA ALA B 46 -3.70 -12.19 35.27
C ALA B 46 -3.05 -11.97 33.91
N SER B 47 -1.73 -12.02 33.81
CA SER B 47 -1.10 -11.54 32.58
C SER B 47 -1.29 -12.49 31.40
N THR B 48 -1.88 -13.67 31.59
CA THR B 48 -2.27 -14.44 30.40
C THR B 48 -3.34 -13.70 29.61
N PHE B 49 -4.04 -12.76 30.24
CA PHE B 49 -4.98 -11.89 29.54
C PHE B 49 -4.30 -10.99 28.50
N KCX B 50 -2.97 -10.87 28.54
CA KCX B 50 -2.28 -10.11 27.53
CB KCX B 50 -0.79 -9.88 27.88
CG KCX B 50 -0.67 -8.90 29.06
CD KCX B 50 0.78 -8.59 29.43
CE KCX B 50 0.86 -7.55 30.54
NZ KCX B 50 0.38 -8.07 31.79
C KCX B 50 -2.47 -10.71 26.15
O KCX B 50 -2.34 -9.96 25.16
CX KCX B 50 -0.83 -7.77 32.29
OQ1 KCX B 50 -1.63 -6.99 31.78
OQ2 KCX B 50 -1.13 -8.38 33.43
H KCX B 50 -3.56 -11.65 28.28
HA KCX B 50 -2.75 -9.11 27.50
HB2 KCX B 50 -0.33 -10.84 28.15
HB3 KCX B 50 -0.26 -9.48 27.02
HG2 KCX B 50 -1.17 -7.97 28.79
HG3 KCX B 50 -1.19 -9.32 29.93
HD2 KCX B 50 1.31 -8.24 28.55
HD3 KCX B 50 1.26 -9.52 29.76
HE2 KCX B 50 1.91 -7.24 30.66
HE3 KCX B 50 0.28 -6.68 30.25
HZ KCX B 50 0.97 -8.71 32.29
HQ2 KCX B 50 -2.01 -8.11 33.72
N ILE B 51 -2.81 -12.00 26.03
CA ILE B 51 -3.08 -12.57 24.71
C ILE B 51 -4.37 -11.95 24.12
N PRO B 52 -5.55 -12.12 24.75
CA PRO B 52 -6.74 -11.48 24.16
C PRO B 52 -6.62 -9.96 24.09
N ASN B 53 -6.05 -9.32 25.11
CA ASN B 53 -5.92 -7.87 25.10
C ASN B 53 -5.12 -7.41 23.89
N SER B 54 -4.02 -8.10 23.58
CA SER B 54 -3.22 -7.74 22.40
C SER B 54 -4.06 -7.86 21.12
N LEU B 55 -4.81 -8.96 21.00
CA LEU B 55 -5.61 -9.20 19.81
C LEU B 55 -6.63 -8.10 19.62
N ILE B 56 -7.31 -7.73 20.69
CA ILE B 56 -8.34 -6.70 20.63
C ILE B 56 -7.72 -5.36 20.28
N ALA B 57 -6.60 -5.01 20.94
CA ALA B 57 -5.95 -3.73 20.66
C ALA B 57 -5.51 -3.62 19.21
N LEU B 58 -4.94 -4.69 18.65
CA LEU B 58 -4.52 -4.69 17.24
C LEU B 58 -5.73 -4.59 16.32
N ASP B 59 -6.77 -5.37 16.59
CA ASP B 59 -7.89 -5.38 15.66
C ASP B 59 -8.59 -4.04 15.62
N LEU B 60 -8.65 -3.33 16.74
CA LEU B 60 -9.30 -2.03 16.80
C LEU B 60 -8.38 -0.88 16.38
N GLY B 61 -7.11 -1.13 16.09
CA GLY B 61 -6.22 -0.06 15.73
C GLY B 61 -5.64 0.70 16.91
N VAL B 62 -5.91 0.24 18.14
CA VAL B 62 -5.24 0.83 19.29
C VAL B 62 -3.74 0.62 19.21
N VAL B 63 -3.34 -0.57 18.74
CA VAL B 63 -1.95 -0.88 18.40
C VAL B 63 -1.91 -0.97 16.89
N LYS B 64 -1.08 -0.12 16.26
CA LYS B 64 -1.03 -0.10 14.80
C LYS B 64 -0.24 -1.29 14.25
N ASP B 65 0.85 -1.63 14.91
CA ASP B 65 1.68 -2.77 14.55
C ASP B 65 2.60 -3.06 15.71
N GLU B 66 3.45 -4.08 15.53
CA GLU B 66 4.31 -4.55 16.60
C GLU B 66 5.51 -3.64 16.87
N HIS B 67 5.69 -2.57 16.09
CA HIS B 67 6.76 -1.61 16.29
C HIS B 67 6.31 -0.34 17.00
N GLN B 68 5.00 -0.09 17.07
CA GLN B 68 4.51 1.15 17.69
C GLN B 68 5.02 1.23 19.12
N VAL B 69 5.52 2.41 19.49
CA VAL B 69 6.11 2.65 20.81
C VAL B 69 5.05 3.20 21.76
N PHE B 70 4.97 2.59 22.95
CA PHE B 70 4.10 3.04 24.01
C PHE B 70 4.97 3.55 25.14
N LYS B 71 4.83 4.85 25.42
CA LYS B 71 5.72 5.55 26.29
C LYS B 71 5.52 5.13 27.74
N TRP B 72 6.63 5.04 28.46
CA TRP B 72 6.60 4.91 29.92
C TRP B 72 5.99 6.15 30.52
N ASP B 73 5.13 5.96 31.52
CA ASP B 73 4.48 7.09 32.18
C ASP B 73 5.36 7.77 33.21
N GLY B 74 6.58 7.30 33.40
CA GLY B 74 7.50 7.97 34.28
C GLY B 74 7.40 7.58 35.73
N GLN B 75 6.51 6.67 36.09
CA GLN B 75 6.44 6.12 37.46
C GLN B 75 7.36 4.90 37.54
N THR B 76 8.41 5.00 38.35
CA THR B 76 9.30 3.85 38.53
C THR B 76 8.62 2.77 39.37
N ARG B 77 8.52 1.58 38.79
CA ARG B 77 7.87 0.44 39.40
C ARG B 77 8.90 -0.66 39.70
N ASP B 78 8.45 -1.63 40.50
CA ASP B 78 9.32 -2.68 41.02
C ASP B 78 10.07 -3.43 39.92
N ILE B 79 9.39 -3.80 38.83
CA ILE B 79 10.03 -4.56 37.76
C ILE B 79 10.73 -3.56 36.84
N ALA B 80 12.07 -3.54 36.90
CA ALA B 80 12.81 -2.46 36.28
C ALA B 80 12.60 -2.40 34.77
N THR B 81 12.42 -3.56 34.12
CA THR B 81 12.22 -3.54 32.67
C THR B 81 10.93 -2.85 32.26
N TRP B 82 10.00 -2.60 33.19
CA TRP B 82 8.79 -1.87 32.88
C TRP B 82 9.03 -0.36 32.74
N ASN B 83 10.16 0.15 33.21
CA ASN B 83 10.33 1.60 33.39
C ASN B 83 11.01 2.22 32.18
N ARG B 84 10.46 1.90 31.01
CA ARG B 84 11.01 2.34 29.74
C ARG B 84 9.92 2.23 28.69
N ASP B 85 10.20 2.77 27.51
CA ASP B 85 9.29 2.65 26.39
C ASP B 85 9.26 1.20 25.90
N HIS B 86 8.12 0.79 25.37
CA HIS B 86 7.89 -0.59 24.93
C HIS B 86 7.09 -0.62 23.64
N ASN B 87 7.29 -1.68 22.86
CA ASN B 87 6.39 -2.07 21.79
C ASN B 87 5.66 -3.36 22.18
N LEU B 88 4.82 -3.85 21.27
CA LEU B 88 4.03 -5.04 21.60
C LEU B 88 4.92 -6.24 21.93
N ILE B 89 6.03 -6.40 21.20
CA ILE B 89 6.89 -7.57 21.41
C ILE B 89 7.48 -7.52 22.82
N THR B 90 8.04 -6.38 23.20
CA THR B 90 8.70 -6.26 24.50
C THR B 90 7.70 -6.14 25.64
N ALA B 91 6.52 -5.55 25.38
CA ALA B 91 5.49 -5.47 26.42
C ALA B 91 4.99 -6.87 26.78
N MET B 92 4.86 -7.76 25.79
CA MET B 92 4.52 -9.15 26.08
C MET B 92 5.66 -9.85 26.81
N LYS B 93 6.87 -9.73 26.29
CA LYS B 93 8.03 -10.40 26.87
C LYS B 93 8.21 -10.07 28.35
N TYR B 94 8.15 -8.78 28.71
CA TYR B 94 8.38 -8.36 30.08
C TYR B 94 7.09 -8.19 30.88
N SER B 95 5.96 -8.53 30.27
CA SER B 95 4.65 -8.56 30.92
C SER B 95 4.32 -7.20 31.53
N VAL B 96 4.34 -6.18 30.67
CA VAL B 96 4.38 -4.78 31.12
C VAL B 96 2.94 -4.33 31.35
N VAL B 97 2.45 -4.54 32.58
CA VAL B 97 1.07 -4.21 32.92
C VAL B 97 0.66 -2.79 32.52
N PRO B 98 1.44 -1.75 32.80
CA PRO B 98 0.91 -0.40 32.52
C PRO B 98 0.61 -0.19 31.06
N VAL B 99 1.37 -0.81 30.16
CA VAL B 99 1.10 -0.67 28.74
C VAL B 99 -0.25 -1.26 28.41
N TYR B 100 -0.53 -2.46 28.95
CA TYR B 100 -1.79 -3.12 28.68
C TYR B 100 -2.97 -2.43 29.34
N GLN B 101 -2.75 -1.75 30.46
CA GLN B 101 -3.82 -0.98 31.07
C GLN B 101 -4.22 0.19 30.16
N GLU B 102 -3.23 0.82 29.52
CA GLU B 102 -3.49 1.86 28.52
C GLU B 102 -4.28 1.30 27.34
N PHE B 103 -3.86 0.12 26.83
CA PHE B 103 -4.65 -0.52 25.78
C PHE B 103 -6.11 -0.66 26.22
N ALA B 104 -6.31 -1.18 27.42
CA ALA B 104 -7.66 -1.50 27.88
C ALA B 104 -8.50 -0.24 28.01
N ARG B 105 -7.93 0.85 28.52
CA ARG B 105 -8.68 2.10 28.60
C ARG B 105 -9.11 2.58 27.21
N GLN B 106 -8.23 2.44 26.21
CA GLN B 106 -8.57 2.86 24.84
C GLN B 106 -9.60 1.94 24.20
N ILE B 107 -9.53 0.64 24.50
CA ILE B 107 -10.53 -0.29 24.02
C ILE B 107 -11.90 0.06 24.58
N GLY B 108 -12.00 0.24 25.89
CA GLY B 108 -13.24 0.58 26.54
C GLY B 108 -14.06 -0.64 26.90
N GLU B 109 -14.96 -0.45 27.88
CA GLU B 109 -15.75 -1.54 28.43
C GLU B 109 -16.59 -2.23 27.36
N ALA B 110 -17.31 -1.45 26.54
CA ALA B 110 -18.27 -2.06 25.63
C ALA B 110 -17.57 -2.96 24.63
N ARG B 111 -16.49 -2.46 24.03
CA ARG B 111 -15.82 -3.26 23.01
C ARG B 111 -15.07 -4.44 23.63
N MET B 112 -14.49 -4.21 24.81
CA MET B 112 -13.82 -5.29 25.52
C MET B 112 -14.78 -6.45 25.80
N SER B 113 -15.96 -6.14 26.36
CA SER B 113 -16.95 -7.18 26.67
C SER B 113 -17.41 -7.88 25.41
N LYS B 114 -17.67 -7.13 24.35
CA LYS B 114 -18.14 -7.72 23.10
C LYS B 114 -17.10 -8.69 22.55
N MET B 115 -15.83 -8.29 22.59
CA MET B 115 -14.78 -9.15 22.07
C MET B 115 -14.68 -10.45 22.87
N LEU B 116 -14.71 -10.35 24.20
CA LEU B 116 -14.54 -11.57 24.99
C LEU B 116 -15.71 -12.53 24.81
N HIS B 117 -16.92 -12.00 24.65
CA HIS B 117 -18.05 -12.87 24.34
C HIS B 117 -17.81 -13.59 23.02
N ALA B 118 -17.37 -12.86 22.01
CA ALA B 118 -17.12 -13.46 20.71
C ALA B 118 -15.99 -14.48 20.74
N PHE B 119 -14.97 -14.23 21.59
CA PHE B 119 -13.87 -15.16 21.79
C PHE B 119 -14.27 -16.38 22.63
N ASP B 120 -15.48 -16.39 23.21
CA ASP B 120 -15.89 -17.44 24.16
C ASP B 120 -14.87 -17.56 25.30
N TYR B 121 -14.33 -16.43 25.74
CA TYR B 121 -13.18 -16.44 26.64
C TYR B 121 -13.63 -16.56 28.09
N GLY B 122 -13.34 -17.71 28.72
CA GLY B 122 -13.64 -17.88 30.13
C GLY B 122 -15.08 -17.57 30.43
N ASN B 123 -15.30 -16.90 31.56
CA ASN B 123 -16.67 -16.56 31.95
C ASN B 123 -17.15 -15.26 31.33
N GLU B 124 -16.35 -14.64 30.46
CA GLU B 124 -16.76 -13.51 29.61
C GLU B 124 -17.18 -12.29 30.44
N ASP B 125 -16.74 -12.23 31.70
CA ASP B 125 -17.21 -11.24 32.66
C ASP B 125 -16.08 -10.25 32.93
N ILE B 126 -16.28 -8.99 32.54
CA ILE B 126 -15.26 -7.96 32.72
C ILE B 126 -15.56 -7.05 33.93
N SER B 127 -16.46 -7.46 34.83
CA SER B 127 -16.81 -6.63 35.96
C SER B 127 -15.57 -6.09 36.68
N GLY B 128 -15.65 -4.83 37.07
CA GLY B 128 -14.54 -4.13 37.69
C GLY B 128 -14.03 -3.02 36.81
N ASN B 129 -12.81 -2.58 37.10
CA ASN B 129 -12.21 -1.54 36.28
C ASN B 129 -11.78 -2.11 34.94
N VAL B 130 -12.04 -1.35 33.86
CA VAL B 130 -11.69 -1.85 32.52
C VAL B 130 -10.20 -2.12 32.42
N ASP B 131 -9.38 -1.41 33.19
CA ASP B 131 -7.93 -1.59 33.11
C ASP B 131 -7.35 -2.40 34.27
N SER B 132 -8.19 -3.12 35.02
CA SER B 132 -7.66 -4.02 36.02
C SER B 132 -8.48 -5.29 36.22
N PHE B 133 -9.51 -5.56 35.41
CA PHE B 133 -10.42 -6.64 35.75
C PHE B 133 -9.74 -8.00 35.67
N TRP B 134 -8.69 -8.14 34.86
CA TRP B 134 -7.97 -9.41 34.77
C TRP B 134 -7.02 -9.63 35.94
N LEU B 135 -6.90 -8.62 36.83
CA LEU B 135 -6.12 -8.69 38.04
C LEU B 135 -6.98 -8.80 39.29
N ASP B 136 -8.16 -8.15 39.30
CA ASP B 136 -8.98 -8.14 40.50
C ASP B 136 -10.46 -7.92 40.22
N GLY B 137 -10.91 -8.16 39.00
CA GLY B 137 -12.31 -8.05 38.63
C GLY B 137 -12.97 -9.40 38.50
N GLY B 138 -13.96 -9.48 37.61
CA GLY B 138 -14.83 -10.63 37.54
C GLY B 138 -14.41 -11.73 36.60
N ILE B 139 -13.40 -11.52 35.76
CA ILE B 139 -13.08 -12.49 34.73
C ILE B 139 -12.42 -13.70 35.37
N ARG B 140 -12.82 -14.89 34.93
CA ARG B 140 -12.25 -16.16 35.39
C ARG B 140 -12.12 -17.09 34.19
N ILE B 141 -11.06 -17.89 34.19
CA ILE B 141 -10.84 -18.87 33.13
C ILE B 141 -10.11 -20.08 33.70
N SER B 142 -10.52 -21.26 33.24
CA SER B 142 -9.84 -22.49 33.64
C SER B 142 -8.76 -22.87 32.63
N ALA B 143 -7.95 -23.85 33.02
CA ALA B 143 -6.93 -24.35 32.11
C ALA B 143 -7.53 -24.92 30.84
N THR B 144 -8.62 -25.68 30.94
CA THR B 144 -9.22 -26.24 29.72
C THR B 144 -9.81 -25.15 28.86
N GLU B 145 -10.37 -24.10 29.47
CA GLU B 145 -10.89 -22.98 28.71
C GLU B 145 -9.76 -22.20 28.04
N GLN B 146 -8.59 -22.11 28.68
CA GLN B 146 -7.45 -21.47 28.02
C GLN B 146 -7.10 -22.22 26.75
N ILE B 147 -7.07 -23.55 26.81
CA ILE B 147 -6.76 -24.34 25.62
C ILE B 147 -7.79 -24.10 24.51
N SER B 148 -9.09 -24.09 24.85
CA SER B 148 -10.09 -23.87 23.82
C SER B 148 -9.82 -22.57 23.08
N PHE B 149 -9.52 -21.52 23.84
CA PHE B 149 -9.25 -20.20 23.25
C PHE B 149 -7.99 -20.23 22.40
N LEU B 150 -6.92 -20.84 22.91
CA LEU B 150 -5.66 -20.86 22.19
C LEU B 150 -5.78 -21.63 20.89
N ARG B 151 -6.60 -22.69 20.86
CA ARG B 151 -6.77 -23.45 19.63
C ARG B 151 -7.40 -22.58 18.54
N LYS B 152 -8.38 -21.74 18.90
CA LYS B 152 -8.96 -20.84 17.91
C LYS B 152 -7.89 -19.90 17.38
N LEU B 153 -7.08 -19.34 18.28
CA LEU B 153 -6.03 -18.43 17.84
C LEU B 153 -5.05 -19.12 16.89
N TYR B 154 -4.61 -20.32 17.26
CA TYR B 154 -3.65 -21.04 16.41
C TYR B 154 -4.17 -21.19 15.00
N HIS B 155 -5.46 -21.50 14.85
CA HIS B 155 -6.09 -21.76 13.58
C HIS B 155 -6.66 -20.52 12.89
N ASN B 156 -6.38 -19.31 13.42
CA ASN B 156 -6.93 -18.07 12.90
C ASN B 156 -8.46 -18.11 12.83
N LYS B 157 -9.10 -18.77 13.80
CA LYS B 157 -10.53 -18.91 13.82
C LYS B 157 -11.24 -17.89 14.71
N LEU B 158 -10.53 -16.96 15.33
CA LEU B 158 -11.21 -15.85 15.98
C LEU B 158 -11.76 -14.88 14.94
N HIS B 159 -12.72 -14.05 15.36
CA HIS B 159 -13.39 -13.16 14.41
C HIS B 159 -12.59 -11.90 14.11
N VAL B 160 -11.54 -11.61 14.88
CA VAL B 160 -10.61 -10.54 14.55
C VAL B 160 -9.82 -10.93 13.29
N SER B 161 -9.13 -9.96 12.72
CA SER B 161 -8.50 -10.19 11.42
C SER B 161 -7.39 -11.24 11.52
N GLU B 162 -7.12 -11.87 10.38
CA GLU B 162 -5.97 -12.76 10.28
C GLU B 162 -4.69 -12.03 10.68
N ARG B 163 -4.54 -10.78 10.25
CA ARG B 163 -3.34 -10.03 10.57
C ARG B 163 -3.17 -9.89 12.08
N SER B 164 -4.25 -9.53 12.79
CA SER B 164 -4.16 -9.39 14.24
C SER B 164 -3.73 -10.70 14.88
N GLN B 165 -4.30 -11.82 14.43
CA GLN B 165 -3.94 -13.11 14.98
C GLN B 165 -2.49 -13.47 14.69
N ARG B 166 -2.02 -13.22 13.47
CA ARG B 166 -0.62 -13.46 13.16
C ARG B 166 0.31 -12.63 14.03
N ILE B 167 0.00 -11.35 14.22
CA ILE B 167 0.90 -10.49 14.99
C ILE B 167 0.96 -10.96 16.44
N VAL B 168 -0.18 -11.32 17.04
CA VAL B 168 -0.14 -11.77 18.42
C VAL B 168 0.66 -13.06 18.54
N LYS B 169 0.50 -13.99 17.58
CA LYS B 169 1.27 -15.22 17.65
C LYS B 169 2.76 -14.94 17.55
N GLN B 170 3.15 -13.96 16.72
CA GLN B 170 4.55 -13.52 16.69
C GLN B 170 4.99 -13.02 18.07
N ALA B 171 4.17 -12.19 18.71
CA ALA B 171 4.50 -11.61 20.00
C ALA B 171 4.54 -12.64 21.11
N MET B 172 3.85 -13.76 20.97
CA MET B 172 3.87 -14.86 21.92
C MET B 172 5.12 -15.72 21.82
N LEU B 173 5.96 -15.51 20.81
CA LEU B 173 7.13 -16.35 20.63
C LEU B 173 7.98 -16.31 21.90
N THR B 174 8.26 -17.49 22.44
CA THR B 174 8.98 -17.64 23.69
C THR B 174 10.29 -18.40 23.49
N GLU B 175 10.27 -19.49 22.72
CA GLU B 175 11.44 -20.34 22.53
C GLU B 175 11.34 -21.00 21.16
N ALA B 176 12.48 -21.19 20.50
CA ALA B 176 12.50 -21.92 19.25
C ALA B 176 13.89 -22.52 19.04
N ASN B 177 13.92 -23.70 18.42
CA ASN B 177 15.16 -24.37 18.05
C ASN B 177 14.81 -25.38 16.98
N GLY B 178 15.76 -26.28 16.68
CA GLY B 178 15.51 -27.27 15.65
C GLY B 178 14.57 -28.39 16.01
N ASP B 179 14.09 -28.44 17.26
CA ASP B 179 13.18 -29.48 17.71
C ASP B 179 11.75 -28.99 17.96
N TYR B 180 11.57 -27.73 18.34
CA TYR B 180 10.24 -27.24 18.64
C TYR B 180 10.22 -25.71 18.66
N ILE B 181 9.00 -25.17 18.66
CA ILE B 181 8.72 -23.76 18.88
C ILE B 181 7.66 -23.67 19.99
N ILE B 182 7.88 -22.82 20.97
CA ILE B 182 6.88 -22.53 21.99
C ILE B 182 6.40 -21.10 21.82
N ARG B 183 5.09 -20.94 21.72
CA ARG B 183 4.40 -19.65 21.78
C ARG B 183 3.52 -19.67 23.02
N ALA B 184 3.65 -18.67 23.89
CA ALA B 184 3.07 -18.82 25.22
C ALA B 184 3.04 -17.48 25.93
N LYS B 185 2.31 -17.45 27.04
CA LYS B 185 2.29 -16.28 27.92
C LYS B 185 2.17 -16.74 29.36
N THR B 186 2.99 -16.14 30.24
CA THR B 186 2.91 -16.37 31.67
C THR B 186 1.86 -15.50 32.33
N GLY B 187 1.44 -15.92 33.52
CA GLY B 187 0.64 -15.05 34.38
C GLY B 187 0.92 -15.30 35.85
N TYR B 188 0.60 -14.29 36.66
CA TYR B 188 0.82 -14.36 38.11
C TYR B 188 -0.32 -13.61 38.77
N SER B 189 -1.17 -14.33 39.51
CA SER B 189 -2.35 -13.76 40.16
C SER B 189 -2.21 -13.84 41.68
N THR B 190 -2.24 -12.67 42.34
CA THR B 190 -2.12 -12.65 43.80
C THR B 190 -3.26 -11.93 44.52
N ARG B 191 -4.16 -11.24 43.82
CA ARG B 191 -5.04 -10.31 44.52
C ARG B 191 -6.24 -10.97 45.17
N ILE B 192 -6.55 -12.22 44.81
CA ILE B 192 -7.50 -13.06 45.54
C ILE B 192 -6.86 -14.44 45.61
N GLU B 193 -7.35 -15.24 46.54
CA GLU B 193 -6.84 -16.58 46.71
C GLU B 193 -7.45 -17.55 45.72
N PRO B 194 -6.72 -18.61 45.37
CA PRO B 194 -5.32 -18.88 45.76
C PRO B 194 -4.35 -18.08 44.90
N LYS B 195 -3.21 -17.68 45.44
CA LYS B 195 -2.19 -17.05 44.61
C LYS B 195 -1.64 -18.13 43.69
N ILE B 196 -1.59 -17.84 42.38
CA ILE B 196 -1.19 -18.84 41.39
C ILE B 196 -0.28 -18.23 40.33
N GLY B 197 0.47 -19.11 39.69
CA GLY B 197 1.18 -18.80 38.46
C GLY B 197 0.56 -19.62 37.34
N TRP B 198 0.56 -19.05 36.15
CA TRP B 198 0.05 -19.66 34.93
C TRP B 198 1.15 -19.73 33.88
N TRP B 199 1.07 -20.74 33.03
CA TRP B 199 1.77 -20.69 31.74
C TRP B 199 0.87 -21.36 30.74
N VAL B 200 0.55 -20.67 29.66
CA VAL B 200 -0.39 -21.17 28.66
C VAL B 200 0.16 -20.91 27.26
N GLY B 201 -0.07 -21.83 26.35
CA GLY B 201 0.47 -21.67 25.00
C GLY B 201 0.43 -22.98 24.24
N TRP B 202 1.39 -23.14 23.35
CA TRP B 202 1.48 -24.39 22.62
C TRP B 202 2.90 -24.64 22.16
N VAL B 203 3.15 -25.91 21.83
CA VAL B 203 4.42 -26.39 21.28
C VAL B 203 4.15 -26.83 19.85
N GLU B 204 4.84 -26.20 18.90
CA GLU B 204 4.76 -26.57 17.50
C GLU B 204 5.85 -27.56 17.18
N LEU B 205 5.47 -28.72 16.65
CA LEU B 205 6.38 -29.73 16.13
C LEU B 205 6.25 -29.76 14.61
N ASP B 206 7.14 -30.52 13.94
CA ASP B 206 7.04 -30.61 12.49
C ASP B 206 5.65 -31.07 12.06
N ASP B 207 5.07 -32.05 12.76
CA ASP B 207 3.86 -32.74 12.31
C ASP B 207 2.72 -32.75 13.32
N ASN B 208 2.75 -31.91 14.34
CA ASN B 208 1.67 -31.87 15.32
C ASN B 208 1.84 -30.57 16.10
N VAL B 209 0.81 -30.20 16.84
CA VAL B 209 0.92 -29.15 17.84
C VAL B 209 0.33 -29.67 19.14
N TRP B 210 1.00 -29.37 20.24
CA TRP B 210 0.54 -29.71 21.57
C TRP B 210 0.21 -28.42 22.30
N PHE B 211 -1.07 -28.20 22.61
CA PHE B 211 -1.47 -27.05 23.40
C PHE B 211 -1.29 -27.37 24.88
N PHE B 212 -1.00 -26.34 25.67
CA PHE B 212 -0.83 -26.57 27.09
C PHE B 212 -1.37 -25.39 27.89
N ALA B 213 -1.80 -25.72 29.09
CA ALA B 213 -2.17 -24.71 30.07
C ALA B 213 -1.90 -25.30 31.43
N MET B 214 -1.14 -24.59 32.23
CA MET B 214 -0.80 -25.02 33.58
C MET B 214 -1.04 -23.87 34.55
N ASN B 215 -1.43 -24.22 35.77
CA ASN B 215 -1.36 -23.26 36.84
C ASN B 215 -0.92 -24.00 38.09
N MET B 216 -0.35 -23.24 39.01
CA MET B 216 0.23 -23.83 40.22
C MET B 216 0.14 -22.82 41.34
N ASP B 217 0.08 -23.33 42.56
CA ASP B 217 0.10 -22.45 43.72
C ASP B 217 1.42 -21.70 43.77
N MET B 218 1.34 -20.42 44.11
CA MET B 218 2.49 -19.52 44.06
C MET B 218 2.49 -18.66 45.32
N PRO B 219 2.83 -19.25 46.47
CA PRO B 219 2.76 -18.49 47.73
C PRO B 219 3.75 -17.34 47.80
N THR B 220 4.88 -17.43 47.11
CA THR B 220 5.76 -16.28 46.93
C THR B 220 6.22 -16.24 45.48
N SER B 221 6.76 -15.08 45.09
CA SER B 221 7.26 -14.90 43.74
C SER B 221 8.52 -15.71 43.45
N ASP B 222 9.15 -16.29 44.47
CA ASP B 222 10.38 -17.06 44.25
C ASP B 222 10.15 -18.29 43.38
N GLY B 223 8.92 -18.76 43.28
CA GLY B 223 8.64 -19.96 42.52
C GLY B 223 8.29 -19.74 41.07
N LEU B 224 8.38 -18.51 40.55
CA LEU B 224 7.80 -18.24 39.23
C LEU B 224 8.43 -19.09 38.14
N GLY B 225 9.75 -19.34 38.24
CA GLY B 225 10.43 -20.15 37.25
C GLY B 225 9.94 -21.58 37.16
N LEU B 226 9.25 -22.07 38.20
CA LEU B 226 8.71 -23.42 38.18
C LEU B 226 7.56 -23.57 37.19
N ARG B 227 6.92 -22.48 36.81
CA ARG B 227 5.84 -22.58 35.83
C ARG B 227 6.35 -23.23 34.56
N GLN B 228 7.46 -22.72 34.03
CA GLN B 228 8.07 -23.32 32.84
C GLN B 228 8.76 -24.64 33.15
N ALA B 229 9.47 -24.72 34.27
CA ALA B 229 10.24 -25.92 34.55
C ALA B 229 9.35 -27.15 34.68
N ILE B 230 8.24 -27.04 35.44
CA ILE B 230 7.37 -28.21 35.62
C ILE B 230 6.68 -28.56 34.30
N THR B 231 6.25 -27.56 33.53
CA THR B 231 5.66 -27.84 32.24
C THR B 231 6.63 -28.59 31.36
N LYS B 232 7.87 -28.13 31.29
CA LYS B 232 8.87 -28.80 30.47
C LYS B 232 9.16 -30.21 30.96
N GLU B 233 9.13 -30.44 32.28
CA GLU B 233 9.29 -31.81 32.78
C GLU B 233 8.19 -32.73 32.25
N VAL B 234 6.95 -32.25 32.23
CA VAL B 234 5.85 -33.03 31.66
C VAL B 234 6.08 -33.25 30.17
N LEU B 235 6.41 -32.19 29.43
CA LEU B 235 6.62 -32.32 27.99
C LEU B 235 7.74 -33.33 27.70
N LYS B 236 8.79 -33.33 28.51
CA LYS B 236 9.90 -34.27 28.32
C LYS B 236 9.49 -35.69 28.68
N GLN B 237 8.74 -35.87 29.79
CA GLN B 237 8.24 -37.20 30.11
C GLN B 237 7.44 -37.79 28.96
N GLU B 238 6.60 -36.98 28.33
CA GLU B 238 5.74 -37.43 27.25
C GLU B 238 6.43 -37.45 25.89
N LYS B 239 7.73 -37.16 25.86
CA LYS B 239 8.55 -37.22 24.64
C LYS B 239 8.08 -36.22 23.59
N ILE B 240 7.45 -35.14 24.02
CA ILE B 240 7.05 -34.07 23.11
C ILE B 240 8.25 -33.22 22.74
N ILE B 241 9.11 -32.95 23.71
CA ILE B 241 10.37 -32.27 23.45
C ILE B 241 11.48 -33.14 24.00
N PRO B 242 12.71 -33.04 23.46
CA PRO B 242 13.78 -33.86 24.02
C PRO B 242 14.25 -33.39 25.38
N TRP C 2 -29.72 7.06 3.84
CA TRP C 2 -30.19 7.10 2.46
C TRP C 2 -31.68 7.44 2.39
N GLN C 3 -32.04 8.43 1.57
CA GLN C 3 -33.42 8.82 1.33
C GLN C 3 -33.83 8.44 -0.09
N GLU C 4 -35.10 8.07 -0.26
CA GLU C 4 -35.63 7.69 -1.56
C GLU C 4 -36.41 8.88 -2.15
N ASN C 5 -36.15 9.17 -3.44
CA ASN C 5 -36.79 10.25 -4.20
C ASN C 5 -37.33 9.67 -5.51
N LYS C 6 -38.58 9.24 -5.47
CA LYS C 6 -39.19 8.59 -6.63
C LYS C 6 -39.45 9.53 -7.79
N SER C 7 -39.40 10.85 -7.61
CA SER C 7 -39.66 11.74 -8.73
C SER C 7 -38.66 11.53 -9.86
N TRP C 8 -37.45 11.04 -9.55
CA TRP C 8 -36.48 10.79 -10.61
C TRP C 8 -36.94 9.71 -11.56
N ASN C 9 -37.89 8.86 -11.15
CA ASN C 9 -38.41 7.85 -12.06
C ASN C 9 -38.96 8.48 -13.35
N ALA C 10 -39.46 9.72 -13.27
CA ALA C 10 -39.96 10.40 -14.46
C ALA C 10 -38.89 10.47 -15.55
N HIS C 11 -37.63 10.66 -15.16
CA HIS C 11 -36.58 10.70 -16.17
C HIS C 11 -36.36 9.36 -16.83
N PHE C 12 -36.53 8.26 -16.09
CA PHE C 12 -36.50 6.95 -16.73
C PHE C 12 -37.73 6.72 -17.59
N THR C 13 -38.91 7.07 -17.08
CA THR C 13 -40.15 6.88 -17.83
C THR C 13 -40.11 7.65 -19.15
N GLU C 14 -39.65 8.89 -19.13
CA GLU C 14 -39.57 9.69 -20.35
C GLU C 14 -38.86 8.95 -21.47
N HIS C 15 -37.91 8.09 -21.13
CA HIS C 15 -37.13 7.35 -22.11
C HIS C 15 -37.53 5.89 -22.21
N LYS C 16 -38.68 5.52 -21.65
CA LYS C 16 -39.16 4.14 -21.69
C LYS C 16 -38.11 3.18 -21.12
N SER C 17 -37.49 3.62 -20.03
CA SER C 17 -36.35 2.94 -19.41
C SER C 17 -36.67 2.63 -17.95
N GLN C 18 -35.82 1.79 -17.34
CA GLN C 18 -35.92 1.49 -15.91
C GLN C 18 -34.51 1.47 -15.36
N GLY C 19 -34.32 1.96 -14.14
CA GLY C 19 -32.99 1.96 -13.57
C GLY C 19 -32.95 2.70 -12.25
N VAL C 20 -31.73 2.90 -11.77
CA VAL C 20 -31.47 3.54 -10.50
C VAL C 20 -30.36 4.56 -10.65
N VAL C 21 -30.56 5.73 -10.07
CA VAL C 21 -29.51 6.70 -9.83
C VAL C 21 -29.33 6.79 -8.32
N VAL C 22 -28.08 6.78 -7.87
CA VAL C 22 -27.71 7.00 -6.49
C VAL C 22 -26.78 8.22 -6.46
N LEU C 23 -27.09 9.18 -5.59
CA LEU C 23 -26.27 10.37 -5.40
C LEU C 23 -25.80 10.43 -3.96
N TRP C 24 -24.61 10.98 -3.74
CA TRP C 24 -24.09 11.20 -2.41
C TRP C 24 -23.50 12.59 -2.32
N ASN C 25 -24.05 13.39 -1.40
CA ASN C 25 -23.58 14.76 -1.14
C ASN C 25 -22.45 14.67 -0.13
N GLU C 26 -21.22 14.94 -0.56
CA GLU C 26 -20.08 14.68 0.32
C GLU C 26 -20.07 15.63 1.51
N ASN C 27 -20.41 16.90 1.29
CA ASN C 27 -20.41 17.86 2.40
C ASN C 27 -21.37 17.45 3.49
N LYS C 28 -22.58 17.05 3.12
CA LYS C 28 -23.64 16.75 4.07
C LYS C 28 -23.68 15.29 4.49
N GLN C 29 -22.90 14.43 3.83
CA GLN C 29 -22.86 13.02 4.16
C GLN C 29 -24.25 12.41 4.08
N GLN C 30 -24.92 12.68 2.97
CA GLN C 30 -26.28 12.23 2.76
C GLN C 30 -26.41 11.64 1.37
N GLY C 31 -27.15 10.53 1.27
CA GLY C 31 -27.38 9.85 0.02
C GLY C 31 -28.85 9.90 -0.39
N PHE C 32 -29.08 9.80 -1.69
CA PHE C 32 -30.39 9.90 -2.30
C PHE C 32 -30.48 8.92 -3.45
N THR C 33 -31.64 8.31 -3.64
CA THR C 33 -31.82 7.40 -4.76
C THR C 33 -33.30 7.32 -5.10
N ASN C 34 -33.60 6.98 -6.35
CA ASN C 34 -34.99 6.75 -6.73
C ASN C 34 -35.48 5.34 -6.40
N ASN C 35 -34.59 4.41 -6.07
CA ASN C 35 -34.98 3.01 -5.89
C ASN C 35 -33.99 2.37 -4.90
N LEU C 36 -34.37 2.35 -3.63
CA LEU C 36 -33.49 1.82 -2.59
C LEU C 36 -33.18 0.33 -2.83
N LYS C 37 -34.16 -0.43 -3.30
CA LYS C 37 -33.89 -1.84 -3.57
C LYS C 37 -32.84 -1.97 -4.65
N ARG C 38 -33.08 -1.35 -5.81
CA ARG C 38 -32.14 -1.52 -6.90
C ARG C 38 -30.78 -0.90 -6.62
N ALA C 39 -30.74 0.16 -5.80
CA ALA C 39 -29.46 0.76 -5.42
C ALA C 39 -28.57 -0.24 -4.72
N ASN C 40 -29.15 -1.25 -4.08
CA ASN C 40 -28.41 -2.24 -3.32
C ASN C 40 -28.35 -3.61 -3.98
N GLN C 41 -28.87 -3.76 -5.20
CA GLN C 41 -28.69 -4.98 -5.95
C GLN C 41 -27.34 -4.97 -6.64
N ALA C 42 -26.74 -6.14 -6.76
CA ALA C 42 -25.38 -6.28 -7.25
C ALA C 42 -25.35 -6.88 -8.64
N PHE C 43 -24.54 -6.27 -9.50
CA PHE C 43 -24.43 -6.64 -10.90
C PHE C 43 -22.96 -6.76 -11.27
N LEU C 44 -22.70 -7.39 -12.41
CA LEU C 44 -21.35 -7.36 -12.95
C LEU C 44 -20.96 -5.91 -13.17
N PRO C 45 -19.72 -5.55 -12.84
CA PRO C 45 -19.29 -4.17 -13.06
C PRO C 45 -19.00 -3.84 -14.52
N ALA C 46 -18.74 -4.85 -15.34
CA ALA C 46 -18.28 -4.66 -16.70
C ALA C 46 -17.19 -3.61 -16.73
N SER C 47 -17.22 -2.68 -17.67
CA SER C 47 -16.06 -1.80 -17.82
C SER C 47 -15.92 -0.77 -16.69
N THR C 48 -16.86 -0.65 -15.74
CA THR C 48 -16.55 0.17 -14.58
C THR C 48 -15.39 -0.44 -13.79
N PHE C 49 -15.11 -1.72 -14.03
CA PHE C 49 -13.96 -2.38 -13.40
C PHE C 49 -12.63 -1.82 -13.87
N KCX C 50 -12.63 -1.03 -14.95
CA KCX C 50 -11.40 -0.40 -15.40
CB KCX C 50 -11.55 0.25 -16.78
CG KCX C 50 -11.77 -0.83 -17.85
CD KCX C 50 -11.84 -0.27 -19.26
CE KCX C 50 -11.87 -1.34 -20.35
NZ KCX C 50 -13.10 -2.11 -20.27
C KCX C 50 -10.88 0.54 -14.33
O KCX C 50 -9.67 0.81 -14.35
CX KCX C 50 -13.15 -3.32 -19.73
OQ1 KCX C 50 -12.16 -3.93 -19.33
OQ2 KCX C 50 -14.38 -3.87 -19.67
H KCX C 50 -12.97 -0.86 -14.02
HA KCX C 50 -10.65 -1.20 -15.51
HB2 KCX C 50 -10.65 0.82 -17.02
HB3 KCX C 50 -12.39 0.94 -16.78
HG2 KCX C 50 -10.94 -1.55 -17.79
HG3 KCX C 50 -12.69 -1.37 -17.62
HD2 KCX C 50 -10.99 0.39 -19.43
HD3 KCX C 50 -12.75 0.34 -19.35
HE2 KCX C 50 -11.79 -0.88 -21.34
HE3 KCX C 50 -11.01 -2.01 -20.22
HZ KCX C 50 -13.95 -1.68 -20.61
HQ2 KCX C 50 -14.31 -4.76 -19.26
N ILE C 51 -11.72 1.04 -13.42
CA ILE C 51 -11.18 1.90 -12.36
C ILE C 51 -10.23 1.10 -11.42
N PRO C 52 -10.72 0.06 -10.72
CA PRO C 52 -9.79 -0.70 -9.86
C PRO C 52 -8.67 -1.37 -10.64
N ASN C 53 -8.97 -1.89 -11.83
CA ASN C 53 -7.95 -2.54 -12.65
C ASN C 53 -6.79 -1.56 -12.94
N SER C 54 -7.12 -0.33 -13.35
CA SER C 54 -6.09 0.69 -13.58
C SER C 54 -5.25 0.92 -12.31
N LEU C 55 -5.91 1.09 -11.16
CA LEU C 55 -5.21 1.34 -9.91
C LEU C 55 -4.21 0.22 -9.60
N ILE C 56 -4.66 -1.03 -9.71
CA ILE C 56 -3.82 -2.18 -9.40
C ILE C 56 -2.65 -2.25 -10.38
N ALA C 57 -2.93 -2.07 -11.67
CA ALA C 57 -1.87 -2.16 -12.67
C ALA C 57 -0.81 -1.10 -12.42
N LEU C 58 -1.21 0.12 -12.10
CA LEU C 58 -0.25 1.17 -11.79
C LEU C 58 0.54 0.84 -10.54
N ASP C 59 -0.13 0.38 -9.48
CA ASP C 59 0.59 0.21 -8.24
C ASP C 59 1.56 -0.96 -8.31
N LEU C 60 1.24 -1.98 -9.09
CA LEU C 60 2.15 -3.11 -9.28
C LEU C 60 3.24 -2.84 -10.31
N GLY C 61 3.17 -1.73 -11.05
CA GLY C 61 4.16 -1.44 -12.06
C GLY C 61 3.89 -2.11 -13.39
N VAL C 62 2.72 -2.72 -13.56
CA VAL C 62 2.34 -3.22 -14.87
C VAL C 62 2.18 -2.07 -15.85
N VAL C 63 1.63 -0.96 -15.38
CA VAL C 63 1.55 0.30 -16.11
C VAL C 63 2.49 1.27 -15.41
N LYS C 64 3.48 1.78 -16.17
CA LYS C 64 4.47 2.69 -15.63
C LYS C 64 3.91 4.09 -15.42
N ASP C 65 3.17 4.60 -16.38
CA ASP C 65 2.55 5.91 -16.28
C ASP C 65 1.46 6.01 -17.36
N GLU C 66 0.81 7.17 -17.40
CA GLU C 66 -0.33 7.37 -18.29
C GLU C 66 0.07 7.57 -19.75
N HIS C 67 1.37 7.59 -20.05
CA HIS C 67 1.86 7.73 -21.42
C HIS C 67 2.33 6.42 -22.02
N GLN C 68 2.57 5.39 -21.21
CA GLN C 68 3.06 4.14 -21.72
C GLN C 68 2.10 3.61 -22.80
N VAL C 69 2.67 3.17 -23.92
CA VAL C 69 1.88 2.76 -25.07
C VAL C 69 1.65 1.25 -25.02
N PHE C 70 0.39 0.85 -25.15
CA PHE C 70 -0.01 -0.54 -25.25
C PHE C 70 -0.38 -0.77 -26.71
N LYS C 71 0.48 -1.53 -27.39
CA LYS C 71 0.35 -1.65 -28.83
C LYS C 71 -0.84 -2.52 -29.19
N TRP C 72 -1.53 -2.13 -30.25
CA TRP C 72 -2.62 -2.95 -30.78
C TRP C 72 -2.03 -4.28 -31.22
N ASP C 73 -2.71 -5.37 -30.87
CA ASP C 73 -2.32 -6.70 -31.32
C ASP C 73 -2.63 -6.94 -32.78
N GLY C 74 -3.11 -5.94 -33.52
CA GLY C 74 -3.40 -6.11 -34.94
C GLY C 74 -4.57 -7.01 -35.26
N GLN C 75 -5.41 -7.34 -34.28
CA GLN C 75 -6.63 -8.11 -34.51
C GLN C 75 -7.82 -7.17 -34.51
N THR C 76 -8.46 -7.06 -35.66
CA THR C 76 -9.54 -6.10 -35.81
C THR C 76 -10.77 -6.56 -35.04
N ARG C 77 -11.26 -5.68 -34.17
CA ARG C 77 -12.43 -5.89 -33.36
C ARG C 77 -13.53 -4.91 -33.75
N ASP C 78 -14.73 -5.15 -33.21
CA ASP C 78 -15.94 -4.44 -33.64
C ASP C 78 -15.86 -2.93 -33.40
N ILE C 79 -15.29 -2.51 -32.28
CA ILE C 79 -15.21 -1.09 -31.94
C ILE C 79 -13.93 -0.53 -32.54
N ALA C 80 -14.08 0.35 -33.53
CA ALA C 80 -12.96 0.75 -34.37
C ALA C 80 -11.86 1.45 -33.57
N THR C 81 -12.23 2.21 -32.53
CA THR C 81 -11.22 2.90 -31.73
C THR C 81 -10.36 1.92 -30.91
N TRP C 82 -10.75 0.66 -30.81
CA TRP C 82 -9.90 -0.34 -30.16
C TRP C 82 -8.76 -0.79 -31.06
N ASN C 83 -8.87 -0.56 -32.37
CA ASN C 83 -7.92 -1.11 -33.35
C ASN C 83 -6.79 -0.11 -33.62
N ARG C 84 -6.08 0.22 -32.54
CA ARG C 84 -5.00 1.19 -32.59
C ARG C 84 -4.24 1.09 -31.28
N ASP C 85 -3.10 1.79 -31.22
CA ASP C 85 -2.34 1.87 -29.97
C ASP C 85 -3.10 2.73 -28.96
N HIS C 86 -2.88 2.41 -27.67
CA HIS C 86 -3.52 3.14 -26.58
C HIS C 86 -2.54 3.38 -25.45
N ASN C 87 -2.82 4.42 -24.69
CA ASN C 87 -2.23 4.62 -23.38
C ASN C 87 -3.39 4.56 -22.37
N LEU C 88 -3.07 4.84 -21.11
CA LEU C 88 -4.09 4.71 -20.08
C LEU C 88 -5.25 5.68 -20.29
N ILE C 89 -4.95 6.89 -20.76
CA ILE C 89 -6.00 7.88 -20.97
C ILE C 89 -6.95 7.42 -22.05
N THR C 90 -6.43 7.00 -23.21
CA THR C 90 -7.30 6.63 -24.30
C THR C 90 -7.94 5.27 -24.08
N ALA C 91 -7.27 4.36 -23.35
CA ALA C 91 -7.86 3.06 -23.07
C ALA C 91 -9.08 3.19 -22.16
N MET C 92 -9.02 4.12 -21.18
CA MET C 92 -10.21 4.42 -20.39
C MET C 92 -11.30 5.08 -21.25
N LYS C 93 -10.92 6.09 -22.03
CA LYS C 93 -11.88 6.86 -22.82
C LYS C 93 -12.70 5.96 -23.74
N TYR C 94 -12.02 5.07 -24.48
CA TYR C 94 -12.68 4.20 -25.45
C TYR C 94 -12.99 2.82 -24.87
N SER C 95 -12.74 2.63 -23.58
CA SER C 95 -13.10 1.40 -22.86
C SER C 95 -12.53 0.17 -23.55
N VAL C 96 -11.20 0.16 -23.69
CA VAL C 96 -10.52 -0.77 -24.58
C VAL C 96 -10.25 -2.06 -23.81
N VAL C 97 -11.20 -2.97 -23.91
CA VAL C 97 -11.16 -4.24 -23.16
C VAL C 97 -9.86 -5.00 -23.35
N PRO C 98 -9.36 -5.21 -24.57
CA PRO C 98 -8.16 -6.06 -24.69
C PRO C 98 -6.94 -5.51 -23.98
N VAL C 99 -6.82 -4.19 -23.86
CA VAL C 99 -5.71 -3.63 -23.08
C VAL C 99 -5.85 -4.04 -21.62
N TYR C 100 -7.07 -3.92 -21.08
CA TYR C 100 -7.28 -4.24 -19.67
C TYR C 100 -7.21 -5.75 -19.40
N GLN C 101 -7.54 -6.56 -20.39
CA GLN C 101 -7.37 -8.01 -20.23
C GLN C 101 -5.90 -8.35 -20.06
N GLU C 102 -5.02 -7.70 -20.81
CA GLU C 102 -3.60 -7.90 -20.64
C GLU C 102 -3.12 -7.41 -19.28
N PHE C 103 -3.59 -6.24 -18.83
CA PHE C 103 -3.25 -5.81 -17.48
C PHE C 103 -3.60 -6.91 -16.49
N ALA C 104 -4.81 -7.46 -16.61
CA ALA C 104 -5.29 -8.41 -15.61
C ALA C 104 -4.46 -9.69 -15.62
N ARG C 105 -4.05 -10.15 -16.79
CA ARG C 105 -3.19 -11.34 -16.85
C ARG C 105 -1.85 -11.09 -16.17
N GLN C 106 -1.29 -9.89 -16.35
CA GLN C 106 -0.02 -9.57 -15.72
C GLN C 106 -0.15 -9.42 -14.22
N ILE C 107 -1.25 -8.83 -13.77
CA ILE C 107 -1.54 -8.77 -12.34
C ILE C 107 -1.63 -10.18 -11.77
N GLY C 108 -2.46 -11.01 -12.37
CA GLY C 108 -2.64 -12.38 -11.91
C GLY C 108 -3.72 -12.51 -10.84
N GLU C 109 -4.22 -13.72 -10.72
CA GLU C 109 -5.40 -13.92 -9.91
C GLU C 109 -5.14 -13.63 -8.43
N ALA C 110 -4.00 -14.07 -7.89
CA ALA C 110 -3.79 -13.91 -6.44
C ALA C 110 -3.72 -12.43 -6.06
N ARG C 111 -2.94 -11.64 -6.81
CA ARG C 111 -2.80 -10.24 -6.48
C ARG C 111 -4.08 -9.47 -6.78
N MET C 112 -4.79 -9.87 -7.83
CA MET C 112 -6.07 -9.23 -8.13
C MET C 112 -7.05 -9.44 -6.98
N SER C 113 -7.18 -10.68 -6.53
CA SER C 113 -8.08 -10.99 -5.41
C SER C 113 -7.67 -10.23 -4.16
N LYS C 114 -6.38 -10.18 -3.83
CA LYS C 114 -5.94 -9.50 -2.61
C LYS C 114 -6.23 -8.00 -2.68
N MET C 115 -6.00 -7.38 -3.84
CA MET C 115 -6.25 -5.96 -3.97
C MET C 115 -7.74 -5.64 -3.88
N LEU C 116 -8.60 -6.45 -4.47
CA LEU C 116 -10.03 -6.17 -4.35
C LEU C 116 -10.49 -6.30 -2.91
N HIS C 117 -9.93 -7.26 -2.16
CA HIS C 117 -10.24 -7.30 -0.74
C HIS C 117 -9.74 -6.04 -0.04
N ALA C 118 -8.50 -5.63 -0.30
CA ALA C 118 -7.97 -4.41 0.30
C ALA C 118 -8.83 -3.20 -0.03
N PHE C 119 -9.43 -3.16 -1.23
CA PHE C 119 -10.31 -2.09 -1.66
C PHE C 119 -11.74 -2.23 -1.17
N ASP C 120 -12.08 -3.34 -0.52
CA ASP C 120 -13.47 -3.60 -0.09
C ASP C 120 -14.42 -3.50 -1.28
N TYR C 121 -13.98 -4.01 -2.43
CA TYR C 121 -14.65 -3.74 -3.70
C TYR C 121 -15.72 -4.78 -3.96
N GLY C 122 -16.99 -4.36 -3.91
CA GLY C 122 -18.09 -5.24 -4.23
C GLY C 122 -18.04 -6.51 -3.41
N ASN C 123 -18.36 -7.64 -4.05
CA ASN C 123 -18.36 -8.91 -3.34
C ASN C 123 -16.98 -9.54 -3.26
N GLU C 124 -15.95 -8.88 -3.83
CA GLU C 124 -14.55 -9.28 -3.74
C GLU C 124 -14.26 -10.63 -4.40
N ASP C 125 -15.18 -11.14 -5.25
CA ASP C 125 -15.11 -12.49 -5.81
C ASP C 125 -14.63 -12.37 -7.26
N ILE C 126 -13.47 -12.96 -7.57
CA ILE C 126 -12.93 -12.93 -8.92
C ILE C 126 -13.09 -14.27 -9.65
N SER C 127 -13.99 -15.14 -9.19
CA SER C 127 -14.22 -16.44 -9.82
C SER C 127 -14.38 -16.28 -11.33
N GLY C 128 -13.84 -17.23 -12.07
CA GLY C 128 -13.81 -17.16 -13.52
C GLY C 128 -12.40 -16.91 -14.02
N ASN C 129 -12.32 -16.44 -15.26
CA ASN C 129 -11.02 -16.19 -15.85
C ASN C 129 -10.47 -14.85 -15.40
N VAL C 130 -9.16 -14.79 -15.10
CA VAL C 130 -8.59 -13.53 -14.61
C VAL C 130 -8.78 -12.40 -15.60
N ASP C 131 -8.86 -12.73 -16.90
CA ASP C 131 -8.99 -11.71 -17.92
C ASP C 131 -10.42 -11.48 -18.38
N SER C 132 -11.42 -12.03 -17.67
CA SER C 132 -12.79 -11.74 -18.07
C SER C 132 -13.77 -11.73 -16.90
N PHE C 133 -13.31 -11.84 -15.65
CA PHE C 133 -14.27 -12.11 -14.57
C PHE C 133 -15.24 -10.94 -14.36
N TRP C 134 -14.86 -9.71 -14.76
CA TRP C 134 -15.75 -8.56 -14.63
C TRP C 134 -16.79 -8.50 -15.74
N LEU C 135 -16.69 -9.42 -16.71
CA LEU C 135 -17.64 -9.58 -17.81
C LEU C 135 -18.51 -10.82 -17.67
N ASP C 136 -17.97 -11.91 -17.09
CA ASP C 136 -18.73 -13.17 -17.08
C ASP C 136 -18.30 -14.07 -15.92
N GLY C 137 -17.67 -13.51 -14.90
CA GLY C 137 -17.26 -14.25 -13.73
C GLY C 137 -18.08 -13.91 -12.52
N GLY C 138 -17.48 -14.01 -11.34
CA GLY C 138 -18.21 -13.99 -10.09
C GLY C 138 -18.34 -12.65 -9.42
N ILE C 139 -17.63 -11.62 -9.90
CA ILE C 139 -17.62 -10.33 -9.21
C ILE C 139 -18.97 -9.64 -9.39
N ARG C 140 -19.46 -9.03 -8.33
CA ARG C 140 -20.71 -8.29 -8.36
C ARG C 140 -20.55 -7.05 -7.48
N ILE C 141 -21.17 -5.95 -7.89
CA ILE C 141 -21.09 -4.70 -7.14
C ILE C 141 -22.41 -3.95 -7.31
N SER C 142 -22.88 -3.32 -6.24
CA SER C 142 -24.06 -2.49 -6.30
C SER C 142 -23.71 -1.03 -6.52
N ALA C 143 -24.72 -0.24 -6.87
CA ALA C 143 -24.51 1.20 -7.03
C ALA C 143 -24.02 1.84 -5.73
N THR C 144 -24.57 1.42 -4.57
CA THR C 144 -24.13 2.00 -3.31
C THR C 144 -22.69 1.61 -3.02
N GLU C 145 -22.30 0.37 -3.34
CA GLU C 145 -20.90 -0.05 -3.18
C GLU C 145 -19.97 0.68 -4.13
N GLN C 146 -20.44 1.02 -5.33
CA GLN C 146 -19.63 1.83 -6.22
C GLN C 146 -19.31 3.18 -5.58
N ILE C 147 -20.33 3.81 -4.98
CA ILE C 147 -20.09 5.08 -4.29
C ILE C 147 -19.05 4.93 -3.18
N SER C 148 -19.16 3.89 -2.37
CA SER C 148 -18.22 3.73 -1.25
C SER C 148 -16.80 3.65 -1.76
N PHE C 149 -16.60 2.88 -2.82
CA PHE C 149 -15.28 2.72 -3.44
C PHE C 149 -14.77 4.04 -4.00
N LEU C 150 -15.64 4.76 -4.74
CA LEU C 150 -15.23 6.01 -5.36
C LEU C 150 -14.89 7.07 -4.33
N ARG C 151 -15.59 7.08 -3.19
CA ARG C 151 -15.25 8.07 -2.17
C ARG C 151 -13.84 7.86 -1.67
N LYS C 152 -13.44 6.60 -1.49
CA LYS C 152 -12.07 6.32 -1.06
C LYS C 152 -11.08 6.81 -2.09
N LEU C 153 -11.34 6.53 -3.37
CA LEU C 153 -10.45 7.01 -4.43
C LEU C 153 -10.34 8.52 -4.42
N TYR C 154 -11.48 9.22 -4.31
CA TYR C 154 -11.45 10.68 -4.31
C TYR C 154 -10.52 11.22 -3.22
N HIS C 155 -10.55 10.61 -2.04
CA HIS C 155 -9.80 11.06 -0.88
C HIS C 155 -8.42 10.44 -0.78
N ASN C 156 -7.99 9.70 -1.79
CA ASN C 156 -6.69 9.02 -1.80
C ASN C 156 -6.56 8.03 -0.64
N LYS C 157 -7.64 7.39 -0.24
CA LYS C 157 -7.63 6.49 0.90
C LYS C 157 -7.55 5.02 0.51
N LEU C 158 -7.51 4.68 -0.77
CA LEU C 158 -7.35 3.29 -1.12
C LEU C 158 -5.93 2.82 -0.84
N HIS C 159 -5.79 1.49 -0.72
CA HIS C 159 -4.51 0.88 -0.36
C HIS C 159 -3.61 0.71 -1.59
N VAL C 160 -3.37 1.84 -2.24
CA VAL C 160 -2.36 1.99 -3.28
C VAL C 160 -1.75 3.37 -3.07
N SER C 161 -0.73 3.70 -3.85
CA SER C 161 -0.05 4.96 -3.63
C SER C 161 -0.90 6.16 -4.03
N GLU C 162 -0.55 7.33 -3.49
CA GLU C 162 -1.18 8.58 -3.90
C GLU C 162 -1.03 8.77 -5.41
N ARG C 163 0.16 8.53 -5.93
CA ARG C 163 0.41 8.70 -7.35
C ARG C 163 -0.53 7.85 -8.19
N SER C 164 -0.68 6.57 -7.85
CA SER C 164 -1.58 5.70 -8.61
C SER C 164 -3.00 6.24 -8.61
N GLN C 165 -3.46 6.73 -7.45
CA GLN C 165 -4.80 7.30 -7.35
C GLN C 165 -4.94 8.58 -8.17
N ARG C 166 -3.94 9.46 -8.10
CA ARG C 166 -3.98 10.68 -8.92
C ARG C 166 -4.05 10.34 -10.40
N ILE C 167 -3.25 9.39 -10.87
CA ILE C 167 -3.21 9.06 -12.29
C ILE C 167 -4.57 8.50 -12.75
N VAL C 168 -5.17 7.61 -11.95
CA VAL C 168 -6.46 7.07 -12.35
C VAL C 168 -7.51 8.16 -12.36
N LYS C 169 -7.47 9.09 -11.41
CA LYS C 169 -8.46 10.17 -11.43
C LYS C 169 -8.29 11.06 -12.65
N GLN C 170 -7.04 11.30 -13.07
CA GLN C 170 -6.79 11.99 -14.33
C GLN C 170 -7.43 11.23 -15.49
N ALA C 171 -7.19 9.92 -15.53
CA ALA C 171 -7.72 9.10 -16.63
C ALA C 171 -9.24 8.97 -16.62
N MET C 172 -9.89 9.23 -15.49
CA MET C 172 -11.35 9.22 -15.42
C MET C 172 -11.99 10.52 -15.91
N LEU C 173 -11.20 11.54 -16.21
CA LEU C 173 -11.75 12.82 -16.64
C LEU C 173 -12.64 12.63 -17.85
N THR C 174 -13.89 13.08 -17.71
CA THR C 174 -14.90 12.91 -18.75
C THR C 174 -15.37 14.24 -19.31
N GLU C 175 -15.65 15.21 -18.45
CA GLU C 175 -16.18 16.49 -18.91
C GLU C 175 -15.75 17.55 -17.92
N ALA C 176 -15.48 18.74 -18.41
CA ALA C 176 -15.18 19.85 -17.52
C ALA C 176 -15.52 21.17 -18.21
N ASN C 177 -16.00 22.10 -17.42
CA ASN C 177 -16.27 23.46 -17.89
C ASN C 177 -16.22 24.37 -16.67
N GLY C 178 -16.69 25.61 -16.83
CA GLY C 178 -16.64 26.54 -15.71
C GLY C 178 -17.65 26.28 -14.61
N ASP C 179 -18.51 25.28 -14.78
CA ASP C 179 -19.53 24.94 -13.79
C ASP C 179 -19.24 23.64 -13.03
N TYR C 180 -18.55 22.68 -13.65
CA TYR C 180 -18.34 21.41 -12.97
C TYR C 180 -17.25 20.62 -13.68
N ILE C 181 -16.75 19.60 -12.99
CA ILE C 181 -15.84 18.59 -13.55
C ILE C 181 -16.45 17.22 -13.24
N ILE C 182 -16.58 16.38 -14.26
CA ILE C 182 -17.05 15.01 -14.08
C ILE C 182 -15.88 14.06 -14.31
N ARG C 183 -15.62 13.21 -13.32
CA ARG C 183 -14.69 12.09 -13.45
C ARG C 183 -15.54 10.83 -13.29
N ALA C 184 -15.44 9.93 -14.26
CA ALA C 184 -16.41 8.83 -14.29
C ALA C 184 -15.93 7.73 -15.22
N LYS C 185 -16.62 6.59 -15.14
CA LYS C 185 -16.39 5.50 -16.07
C LYS C 185 -17.72 4.83 -16.39
N THR C 186 -17.93 4.53 -17.67
CA THR C 186 -19.11 3.81 -18.13
C THR C 186 -18.90 2.30 -18.03
N GLY C 187 -20.01 1.58 -18.06
CA GLY C 187 -19.95 0.13 -18.24
C GLY C 187 -21.17 -0.42 -18.92
N TYR C 188 -21.00 -1.55 -19.58
CA TYR C 188 -22.07 -2.23 -20.30
C TYR C 188 -21.92 -3.72 -20.09
N SER C 189 -22.94 -4.35 -19.49
CA SER C 189 -22.89 -5.78 -19.16
C SER C 189 -24.04 -6.52 -19.84
N THR C 190 -23.70 -7.49 -20.70
CA THR C 190 -24.73 -8.27 -21.41
C THR C 190 -24.62 -9.78 -21.23
N ARG C 191 -23.59 -10.30 -20.57
CA ARG C 191 -23.36 -11.74 -20.65
C ARG C 191 -24.21 -12.53 -19.67
N ILE C 192 -24.83 -11.84 -18.73
CA ILE C 192 -25.75 -12.41 -17.76
C ILE C 192 -26.86 -11.40 -17.60
N GLU C 193 -28.06 -11.88 -17.21
CA GLU C 193 -29.20 -10.99 -17.07
C GLU C 193 -29.17 -10.33 -15.69
N PRO C 194 -29.75 -9.12 -15.56
CA PRO C 194 -30.27 -8.28 -16.63
C PRO C 194 -29.14 -7.59 -17.37
N LYS C 195 -29.32 -7.37 -18.67
CA LYS C 195 -28.37 -6.57 -19.41
C LYS C 195 -28.52 -5.13 -18.93
N ILE C 196 -27.40 -4.50 -18.58
CA ILE C 196 -27.43 -3.19 -17.97
C ILE C 196 -26.31 -2.29 -18.51
N GLY C 197 -26.55 -1.00 -18.39
CA GLY C 197 -25.53 0.01 -18.54
C GLY C 197 -25.28 0.67 -17.19
N TRP C 198 -24.01 1.02 -16.95
CA TRP C 198 -23.56 1.71 -15.77
C TRP C 198 -22.97 3.08 -16.14
N TRP C 199 -23.09 4.03 -15.22
CA TRP C 199 -22.20 5.20 -15.21
C TRP C 199 -21.94 5.53 -13.76
N VAL C 200 -20.66 5.58 -13.36
CA VAL C 200 -20.27 5.81 -11.97
C VAL C 200 -19.15 6.84 -11.94
N GLY C 201 -19.17 7.69 -10.93
CA GLY C 201 -18.14 8.71 -10.85
C GLY C 201 -18.54 9.80 -9.87
N TRP C 202 -18.13 11.02 -10.20
CA TRP C 202 -18.51 12.14 -9.34
C TRP C 202 -18.45 13.45 -10.11
N VAL C 203 -19.11 14.45 -9.54
CA VAL C 203 -19.17 15.81 -10.05
C VAL C 203 -18.47 16.72 -9.04
N GLU C 204 -17.39 17.37 -9.46
CA GLU C 204 -16.67 18.30 -8.60
C GLU C 204 -17.22 19.69 -8.84
N LEU C 205 -17.65 20.33 -7.76
CA LEU C 205 -18.07 21.73 -7.76
C LEU C 205 -17.03 22.54 -7.01
N ASP C 206 -17.18 23.87 -7.05
CA ASP C 206 -16.25 24.72 -6.32
C ASP C 206 -16.14 24.32 -4.85
N ASP C 207 -17.27 24.03 -4.18
CA ASP C 207 -17.14 23.76 -2.74
C ASP C 207 -17.92 22.54 -2.29
N ASN C 208 -18.11 21.56 -3.16
CA ASN C 208 -18.69 20.28 -2.77
C ASN C 208 -18.32 19.29 -3.87
N VAL C 209 -18.49 18.01 -3.57
CA VAL C 209 -18.51 17.01 -4.64
C VAL C 209 -19.68 16.05 -4.43
N TRP C 210 -20.32 15.70 -5.53
CA TRP C 210 -21.47 14.81 -5.56
C TRP C 210 -21.03 13.53 -6.26
N PHE C 211 -21.00 12.44 -5.51
CA PHE C 211 -20.73 11.13 -6.08
C PHE C 211 -22.00 10.57 -6.69
N PHE C 212 -21.85 9.83 -7.77
CA PHE C 212 -22.99 9.23 -8.42
C PHE C 212 -22.69 7.82 -8.91
N ALA C 213 -23.73 7.00 -8.94
CA ALA C 213 -23.64 5.67 -9.53
C ALA C 213 -25.01 5.34 -10.06
N MET C 214 -25.10 5.01 -11.34
CA MET C 214 -26.37 4.64 -11.94
C MET C 214 -26.21 3.35 -12.72
N ASN C 215 -27.28 2.57 -12.74
CA ASN C 215 -27.37 1.51 -13.73
C ASN C 215 -28.79 1.45 -14.23
N MET C 216 -28.94 0.95 -15.45
CA MET C 216 -30.24 0.91 -16.09
C MET C 216 -30.32 -0.29 -17.00
N ASP C 217 -31.54 -0.78 -17.21
CA ASP C 217 -31.70 -1.87 -18.15
C ASP C 217 -31.28 -1.44 -19.55
N MET C 218 -30.57 -2.32 -20.25
CA MET C 218 -29.99 -1.99 -21.55
C MET C 218 -30.27 -3.15 -22.51
N PRO C 219 -31.51 -3.27 -22.99
CA PRO C 219 -31.85 -4.41 -23.85
C PRO C 219 -31.12 -4.43 -25.18
N THR C 220 -30.72 -3.27 -25.70
CA THR C 220 -29.84 -3.20 -26.86
C THR C 220 -28.84 -2.09 -26.64
N SER C 221 -27.82 -2.07 -27.49
CA SER C 221 -26.77 -1.06 -27.39
C SER C 221 -27.24 0.32 -27.84
N ASP C 222 -28.42 0.43 -28.47
CA ASP C 222 -28.85 1.73 -28.96
C ASP C 222 -29.10 2.72 -27.83
N GLY C 223 -29.38 2.23 -26.63
CA GLY C 223 -29.66 3.08 -25.48
C GLY C 223 -28.46 3.54 -24.68
N LEU C 224 -27.23 3.28 -25.12
CA LEU C 224 -26.09 3.52 -24.24
C LEU C 224 -25.96 4.99 -23.85
N GLY C 225 -26.32 5.91 -24.74
CA GLY C 225 -26.22 7.32 -24.40
C GLY C 225 -27.19 7.77 -23.33
N LEU C 226 -28.24 6.99 -23.06
CA LEU C 226 -29.15 7.31 -21.97
C LEU C 226 -28.48 7.21 -20.60
N ARG C 227 -27.36 6.49 -20.49
CA ARG C 227 -26.67 6.42 -19.21
C ARG C 227 -26.29 7.81 -18.73
N GLN C 228 -25.63 8.58 -19.59
CA GLN C 228 -25.27 9.95 -19.23
C GLN C 228 -26.47 10.88 -19.24
N ALA C 229 -27.36 10.73 -20.23
CA ALA C 229 -28.49 11.66 -20.39
C ALA C 229 -29.39 11.63 -19.16
N ILE C 230 -29.77 10.44 -18.69
CA ILE C 230 -30.65 10.34 -17.54
C ILE C 230 -29.96 10.83 -16.28
N THR C 231 -28.68 10.48 -16.09
CA THR C 231 -27.95 10.97 -14.93
C THR C 231 -27.91 12.49 -14.92
N LYS C 232 -27.71 13.09 -16.10
CA LYS C 232 -27.66 14.54 -16.16
C LYS C 232 -29.01 15.16 -15.87
N GLU C 233 -30.10 14.54 -16.32
CA GLU C 233 -31.43 15.05 -15.95
C GLU C 233 -31.61 15.07 -14.44
N VAL C 234 -31.15 14.02 -13.74
CA VAL C 234 -31.23 14.01 -12.28
C VAL C 234 -30.36 15.10 -11.68
N LEU C 235 -29.12 15.23 -12.16
CA LEU C 235 -28.22 16.24 -11.64
C LEU C 235 -28.80 17.64 -11.84
N LYS C 236 -29.45 17.86 -12.98
CA LYS C 236 -30.08 19.16 -13.24
C LYS C 236 -31.26 19.39 -12.30
N GLN C 237 -32.10 18.37 -12.13
CA GLN C 237 -33.23 18.52 -11.22
C GLN C 237 -32.77 18.91 -9.82
N GLU C 238 -31.64 18.36 -9.38
CA GLU C 238 -31.14 18.63 -8.04
C GLU C 238 -30.25 19.87 -7.99
N LYS C 239 -30.17 20.63 -9.08
CA LYS C 239 -29.40 21.89 -9.13
C LYS C 239 -27.91 21.66 -8.91
N ILE C 240 -27.42 20.46 -9.18
CA ILE C 240 -26.00 20.17 -9.06
C ILE C 240 -25.24 20.73 -10.25
N ILE C 241 -25.81 20.57 -11.44
CA ILE C 241 -25.29 21.21 -12.65
C ILE C 241 -26.41 22.06 -13.23
N PRO C 242 -26.07 23.11 -13.97
CA PRO C 242 -27.10 23.98 -14.53
C PRO C 242 -27.89 23.35 -15.69
N TRP D 2 9.11 27.06 -37.89
CA TRP D 2 8.09 28.08 -37.68
C TRP D 2 7.45 28.52 -39.00
N GLN D 3 6.13 28.48 -39.08
CA GLN D 3 5.39 28.86 -40.29
C GLN D 3 4.39 29.94 -39.95
N GLU D 4 4.37 31.01 -40.75
CA GLU D 4 3.44 32.12 -40.55
C GLU D 4 2.17 31.86 -41.37
N ASN D 5 1.02 31.98 -40.71
CA ASN D 5 -0.29 31.79 -41.36
C ASN D 5 -1.11 33.05 -41.08
N LYS D 6 -1.02 34.03 -41.98
CA LYS D 6 -1.72 35.29 -41.74
C LYS D 6 -3.23 35.18 -41.90
N SER D 7 -3.76 34.07 -42.43
CA SER D 7 -5.21 33.93 -42.55
C SER D 7 -5.89 33.99 -41.19
N TRP D 8 -5.16 33.67 -40.11
CA TRP D 8 -5.76 33.73 -38.79
C TRP D 8 -6.11 35.16 -38.39
N ASN D 9 -5.55 36.16 -39.07
CA ASN D 9 -5.89 37.55 -38.75
C ASN D 9 -7.36 37.84 -38.97
N ALA D 10 -8.04 37.06 -39.80
CA ALA D 10 -9.48 37.24 -39.97
C ALA D 10 -10.22 37.10 -38.65
N HIS D 11 -9.76 36.20 -37.78
CA HIS D 11 -10.43 36.03 -36.49
C HIS D 11 -10.22 37.24 -35.61
N PHE D 12 -9.02 37.83 -35.64
CA PHE D 12 -8.80 39.07 -34.90
C PHE D 12 -9.64 40.21 -35.49
N THR D 13 -9.65 40.34 -36.82
CA THR D 13 -10.36 41.43 -37.47
C THR D 13 -11.88 41.33 -37.23
N GLU D 14 -12.41 40.11 -37.23
CA GLU D 14 -13.83 39.91 -36.90
C GLU D 14 -14.20 40.59 -35.60
N HIS D 15 -13.27 40.61 -34.64
CA HIS D 15 -13.53 41.14 -33.31
C HIS D 15 -12.83 42.48 -33.09
N LYS D 16 -12.45 43.16 -34.16
CA LYS D 16 -11.83 44.48 -34.05
C LYS D 16 -10.67 44.44 -33.06
N SER D 17 -9.84 43.41 -33.20
CA SER D 17 -8.78 43.13 -32.25
C SER D 17 -7.45 42.94 -32.97
N GLN D 18 -6.37 43.00 -32.18
CA GLN D 18 -5.02 42.77 -32.68
C GLN D 18 -4.29 41.84 -31.73
N GLY D 19 -3.51 40.91 -32.26
CA GLY D 19 -2.76 40.02 -31.39
C GLY D 19 -2.10 38.89 -32.13
N VAL D 20 -1.66 37.90 -31.35
CA VAL D 20 -0.94 36.75 -31.88
C VAL D 20 -1.48 35.47 -31.25
N VAL D 21 -1.64 34.45 -32.07
CA VAL D 21 -1.83 33.08 -31.61
C VAL D 21 -0.62 32.30 -32.08
N VAL D 22 -0.05 31.51 -31.17
CA VAL D 22 1.08 30.62 -31.48
C VAL D 22 0.65 29.21 -31.13
N LEU D 23 0.77 28.30 -32.09
CA LEU D 23 0.46 26.88 -31.89
C LEU D 23 1.74 26.08 -32.08
N TRP D 24 1.88 24.99 -31.33
CA TRP D 24 3.03 24.08 -31.44
C TRP D 24 2.53 22.65 -31.47
N ASN D 25 2.79 21.98 -32.58
CA ASN D 25 2.41 20.58 -32.79
C ASN D 25 3.50 19.72 -32.16
N GLU D 26 3.21 19.11 -31.01
CA GLU D 26 4.25 18.40 -30.27
C GLU D 26 4.80 17.21 -31.04
N ASN D 27 3.92 16.45 -31.71
CA ASN D 27 4.37 15.28 -32.46
C ASN D 27 5.35 15.68 -33.55
N LYS D 28 5.02 16.73 -34.31
CA LYS D 28 5.80 17.11 -35.48
C LYS D 28 6.89 18.14 -35.16
N GLN D 29 6.93 18.67 -33.94
CA GLN D 29 7.92 19.67 -33.57
C GLN D 29 7.88 20.85 -34.55
N GLN D 30 6.66 21.32 -34.82
CA GLN D 30 6.44 22.41 -35.76
C GLN D 30 5.53 23.46 -35.13
N GLY D 31 5.89 24.72 -35.33
CA GLY D 31 5.13 25.84 -34.81
C GLY D 31 4.45 26.62 -35.91
N PHE D 32 3.34 27.26 -35.56
CA PHE D 32 2.53 28.04 -36.48
C PHE D 32 2.05 29.28 -35.76
N THR D 33 2.05 30.41 -36.47
CA THR D 33 1.57 31.65 -35.87
C THR D 33 1.14 32.61 -36.97
N ASN D 34 0.24 33.52 -36.62
CA ASN D 34 -0.14 34.58 -37.54
C ASN D 34 0.85 35.73 -37.58
N ASN D 35 1.79 35.82 -36.63
CA ASN D 35 2.67 36.98 -36.53
C ASN D 35 3.96 36.53 -35.86
N LEU D 36 4.96 36.18 -36.68
CA LEU D 36 6.21 35.63 -36.15
C LEU D 36 6.87 36.57 -35.17
N LYS D 37 6.89 37.88 -35.46
CA LYS D 37 7.63 38.77 -34.57
C LYS D 37 6.87 38.99 -33.27
N ARG D 38 5.53 39.15 -33.33
CA ARG D 38 4.81 39.27 -32.08
C ARG D 38 4.86 37.95 -31.29
N ALA D 39 4.94 36.81 -31.99
CA ALA D 39 5.08 35.55 -31.27
C ALA D 39 6.28 35.55 -30.34
N ASN D 40 7.31 36.33 -30.68
CA ASN D 40 8.53 36.41 -29.90
C ASN D 40 8.63 37.68 -29.07
N GLN D 41 7.58 38.51 -29.02
CA GLN D 41 7.64 39.75 -28.25
C GLN D 41 7.34 39.44 -26.80
N ALA D 42 8.20 39.88 -25.88
CA ALA D 42 8.08 39.50 -24.48
C ALA D 42 7.26 40.52 -23.70
N PHE D 43 6.32 40.05 -22.87
CA PHE D 43 5.41 40.90 -22.12
C PHE D 43 5.38 40.47 -20.66
N LEU D 44 4.84 41.33 -19.80
CA LEU D 44 4.55 40.88 -18.46
C LEU D 44 3.60 39.69 -18.52
N PRO D 45 3.77 38.68 -17.68
CA PRO D 45 2.91 37.48 -17.78
C PRO D 45 1.57 37.62 -17.09
N ALA D 46 1.45 38.58 -16.18
CA ALA D 46 0.26 38.74 -15.34
C ALA D 46 -0.12 37.38 -14.76
N SER D 47 -1.41 37.02 -14.80
CA SER D 47 -1.82 35.85 -14.06
C SER D 47 -1.44 34.54 -14.75
N THR D 48 -0.85 34.57 -15.96
CA THR D 48 -0.25 33.34 -16.43
C THR D 48 0.90 32.91 -15.53
N PHE D 49 1.44 33.82 -14.74
CA PHE D 49 2.47 33.50 -13.76
C PHE D 49 1.96 32.60 -12.64
N KCX D 50 0.65 32.44 -12.52
CA KCX D 50 0.13 31.55 -11.50
CB KCX D 50 -1.40 31.68 -11.32
CG KCX D 50 -1.76 33.04 -10.68
CD KCX D 50 -3.26 33.25 -10.49
CE KCX D 50 -3.51 34.53 -9.71
NZ KCX D 50 -3.25 35.71 -10.52
C KCX D 50 0.55 30.11 -11.79
O KCX D 50 0.55 29.31 -10.85
CX KCX D 50 -2.15 36.43 -10.37
OQ1 KCX D 50 -1.32 36.24 -9.50
OQ2 KCX D 50 -1.99 37.40 -11.24
H KCX D 50 1.26 32.09 -13.24
HA KCX D 50 0.59 31.83 -10.55
HB2 KCX D 50 -1.89 31.59 -12.29
HB3 KCX D 50 -1.76 30.87 -10.67
HG2 KCX D 50 -1.27 33.12 -9.72
HG3 KCX D 50 -1.38 33.84 -11.32
HD2 KCX D 50 -3.76 33.30 -11.47
HD3 KCX D 50 -3.68 32.39 -9.95
HE2 KCX D 50 -2.88 34.54 -8.83
HE3 KCX D 50 -4.55 34.55 -9.37
HZ KCX D 50 -3.90 35.93 -11.26
HQ2 KCX D 50 -1.16 37.87 -11.06
N ILE D 51 0.91 29.75 -13.03
CA ILE D 51 1.42 28.39 -13.30
C ILE D 51 2.75 28.17 -12.56
N PRO D 52 3.82 28.94 -12.86
CA PRO D 52 5.07 28.72 -12.11
C PRO D 52 4.94 28.96 -10.62
N ASN D 53 4.17 29.99 -10.22
CA ASN D 53 3.98 30.28 -8.80
C ASN D 53 3.34 29.11 -8.08
N SER D 54 2.31 28.49 -8.67
CA SER D 54 1.72 27.32 -8.05
C SER D 54 2.75 26.20 -7.89
N LEU D 55 3.54 25.95 -8.95
CA LEU D 55 4.49 24.86 -8.92
C LEU D 55 5.50 25.06 -7.80
N ILE D 56 6.02 26.29 -7.68
CA ILE D 56 7.02 26.59 -6.66
C ILE D 56 6.41 26.45 -5.27
N ALA D 57 5.20 27.00 -5.08
CA ALA D 57 4.55 26.93 -3.77
C ALA D 57 4.31 25.49 -3.35
N LEU D 58 3.91 24.63 -4.29
CA LEU D 58 3.73 23.21 -3.97
C LEU D 58 5.05 22.53 -3.65
N ASP D 59 6.08 22.76 -4.48
CA ASP D 59 7.34 22.04 -4.28
C ASP D 59 7.97 22.40 -2.94
N LEU D 60 7.80 23.64 -2.49
CA LEU D 60 8.38 24.09 -1.23
C LEU D 60 7.47 23.84 -0.03
N GLY D 61 6.26 23.31 -0.22
CA GLY D 61 5.37 23.05 0.90
C GLY D 61 4.58 24.26 1.35
N VAL D 62 4.66 25.39 0.64
CA VAL D 62 3.83 26.53 0.94
C VAL D 62 2.36 26.18 0.74
N VAL D 63 2.09 25.37 -0.28
CA VAL D 63 0.78 24.75 -0.47
C VAL D 63 0.99 23.25 -0.25
N LYS D 64 0.20 22.68 0.66
CA LYS D 64 0.35 21.26 1.00
C LYS D 64 -0.29 20.38 -0.07
N ASP D 65 -1.49 20.72 -0.51
CA ASP D 65 -2.18 20.00 -1.57
C ASP D 65 -3.28 20.89 -2.14
N GLU D 66 -4.06 20.34 -3.08
CA GLU D 66 -5.07 21.11 -3.79
C GLU D 66 -6.33 21.35 -2.96
N HIS D 67 -6.40 20.81 -1.75
CA HIS D 67 -7.54 21.00 -0.85
C HIS D 67 -7.26 22.02 0.25
N GLN D 68 -6.00 22.35 0.52
CA GLN D 68 -5.70 23.30 1.59
C GLN D 68 -6.47 24.59 1.35
N VAL D 69 -7.06 25.14 2.41
CA VAL D 69 -7.93 26.31 2.30
C VAL D 69 -7.10 27.53 2.65
N PHE D 70 -7.20 28.56 1.82
CA PHE D 70 -6.54 29.84 2.06
C PHE D 70 -7.65 30.82 2.40
N LYS D 71 -7.73 31.17 3.68
CA LYS D 71 -8.84 31.99 4.16
C LYS D 71 -8.78 33.39 3.58
N TRP D 72 -9.96 33.90 3.20
CA TRP D 72 -10.08 35.29 2.79
C TRP D 72 -9.58 36.19 3.92
N ASP D 73 -8.81 37.22 3.55
CA ASP D 73 -8.24 38.14 4.55
C ASP D 73 -9.22 39.19 5.03
N GLY D 74 -10.47 39.17 4.55
CA GLY D 74 -11.48 40.10 5.00
C GLY D 74 -11.53 41.40 4.25
N GLN D 75 -10.60 41.65 3.34
CA GLN D 75 -10.58 42.88 2.56
C GLN D 75 -11.41 42.71 1.31
N THR D 76 -12.45 43.52 1.16
CA THR D 76 -13.33 43.43 0.00
C THR D 76 -12.65 44.05 -1.20
N ARG D 77 -12.45 43.26 -2.24
CA ARG D 77 -11.85 43.69 -3.49
C ARG D 77 -12.90 43.68 -4.59
N ASP D 78 -12.55 44.29 -5.73
CA ASP D 78 -13.55 44.55 -6.77
C ASP D 78 -14.11 43.28 -7.42
N ILE D 79 -13.31 42.20 -7.48
CA ILE D 79 -13.76 40.97 -8.11
C ILE D 79 -14.41 40.10 -7.03
N ALA D 80 -15.74 39.93 -7.12
CA ALA D 80 -16.51 39.36 -6.02
C ALA D 80 -16.02 37.96 -5.64
N THR D 81 -15.60 37.16 -6.63
CA THR D 81 -15.19 35.79 -6.33
C THR D 81 -13.91 35.72 -5.52
N TRP D 82 -13.19 36.82 -5.38
CA TRP D 82 -11.99 36.84 -4.54
C TRP D 82 -12.31 36.98 -3.07
N ASN D 83 -13.51 37.40 -2.73
CA ASN D 83 -13.83 37.74 -1.35
C ASN D 83 -14.42 36.54 -0.61
N ARG D 84 -13.68 35.44 -0.64
CA ARG D 84 -14.10 34.17 -0.06
C ARG D 84 -12.87 33.28 0.07
N ASP D 85 -13.04 32.19 0.82
CA ASP D 85 -11.96 31.23 0.97
C ASP D 85 -11.73 30.48 -0.35
N HIS D 86 -10.49 30.07 -0.57
CA HIS D 86 -10.11 29.38 -1.80
C HIS D 86 -9.20 28.19 -1.48
N ASN D 87 -9.18 27.26 -2.43
CA ASN D 87 -8.11 26.26 -2.52
C ASN D 87 -7.35 26.50 -3.82
N LEU D 88 -6.36 25.65 -4.12
CA LEU D 88 -5.57 25.85 -5.34
C LEU D 88 -6.44 25.78 -6.58
N ILE D 89 -7.42 24.87 -6.59
CA ILE D 89 -8.27 24.72 -7.77
C ILE D 89 -9.05 25.99 -8.03
N THR D 90 -9.70 26.53 -6.99
CA THR D 90 -10.56 27.69 -7.21
C THR D 90 -9.74 28.97 -7.31
N ALA D 91 -8.59 29.03 -6.66
CA ALA D 91 -7.68 30.19 -6.80
C ALA D 91 -7.17 30.33 -8.23
N MET D 92 -6.88 29.21 -8.90
CA MET D 92 -6.55 29.26 -10.32
C MET D 92 -7.76 29.64 -11.16
N LYS D 93 -8.91 28.98 -10.94
CA LYS D 93 -10.10 29.21 -11.74
C LYS D 93 -10.52 30.68 -11.71
N TYR D 94 -10.52 31.29 -10.54
CA TYR D 94 -10.96 32.68 -10.39
C TYR D 94 -9.79 33.65 -10.37
N SER D 95 -8.57 33.14 -10.57
CA SER D 95 -7.37 33.95 -10.74
C SER D 95 -7.18 34.92 -9.58
N VAL D 96 -7.07 34.33 -8.39
CA VAL D 96 -7.20 35.08 -7.13
C VAL D 96 -5.83 35.65 -6.77
N VAL D 97 -5.57 36.86 -7.28
CA VAL D 97 -4.28 37.51 -7.06
C VAL D 97 -3.83 37.53 -5.61
N PRO D 98 -4.64 37.96 -4.63
CA PRO D 98 -4.11 38.06 -3.26
C PRO D 98 -3.66 36.76 -2.68
N VAL D 99 -4.28 35.63 -3.08
CA VAL D 99 -3.79 34.33 -2.63
C VAL D 99 -2.36 34.08 -3.13
N TYR D 100 -2.12 34.35 -4.41
CA TYR D 100 -0.80 34.14 -5.00
C TYR D 100 0.22 35.16 -4.52
N GLN D 101 -0.22 36.37 -4.15
CA GLN D 101 0.71 37.33 -3.57
C GLN D 101 1.23 36.82 -2.23
N GLU D 102 0.36 36.21 -1.42
CA GLU D 102 0.80 35.59 -0.17
C GLU D 102 1.74 34.43 -0.43
N PHE D 103 1.44 33.60 -1.45
CA PHE D 103 2.37 32.53 -1.79
C PHE D 103 3.76 33.10 -2.05
N ALA D 104 3.82 34.14 -2.88
CA ALA D 104 5.10 34.70 -3.29
C ALA D 104 5.87 35.26 -2.11
N ARG D 105 5.16 35.87 -1.15
CA ARG D 105 5.83 36.35 0.05
C ARG D 105 6.45 35.21 0.84
N GLN D 106 5.75 34.07 0.94
CA GLN D 106 6.29 32.94 1.69
C GLN D 106 7.43 32.26 0.93
N ILE D 107 7.36 32.23 -0.40
CA ILE D 107 8.46 31.69 -1.20
C ILE D 107 9.72 32.54 -0.98
N GLY D 108 9.58 33.86 -1.09
CA GLY D 108 10.69 34.76 -0.91
C GLY D 108 11.49 34.98 -2.18
N GLU D 109 12.17 36.12 -2.23
CA GLU D 109 12.85 36.52 -3.47
C GLU D 109 13.95 35.52 -3.88
N ALA D 110 14.73 35.01 -2.92
CA ALA D 110 15.85 34.15 -3.28
C ALA D 110 15.38 32.85 -3.91
N ARG D 111 14.39 32.21 -3.30
CA ARG D 111 13.92 30.93 -3.86
C ARG D 111 13.14 31.18 -5.14
N MET D 112 12.35 32.25 -5.21
CA MET D 112 11.64 32.56 -6.44
C MET D 112 12.62 32.74 -7.62
N SER D 113 13.68 33.51 -7.41
CA SER D 113 14.64 33.76 -8.48
C SER D 113 15.34 32.48 -8.89
N LYS D 114 15.77 31.68 -7.91
CA LYS D 114 16.44 30.44 -8.23
C LYS D 114 15.53 29.51 -9.04
N MET D 115 14.25 29.43 -8.66
CA MET D 115 13.36 28.54 -9.37
C MET D 115 13.12 28.99 -10.80
N LEU D 116 12.92 30.29 -11.02
CA LEU D 116 12.69 30.77 -12.38
C LEU D 116 13.91 30.57 -13.27
N HIS D 117 15.12 30.67 -12.70
CA HIS D 117 16.31 30.33 -13.47
C HIS D 117 16.31 28.86 -13.84
N ALA D 118 15.98 27.99 -12.88
CA ALA D 118 15.92 26.55 -13.15
C ALA D 118 14.86 26.23 -14.21
N PHE D 119 13.75 26.98 -14.20
CA PHE D 119 12.70 26.78 -15.20
C PHE D 119 13.03 27.39 -16.56
N ASP D 120 14.10 28.19 -16.67
CA ASP D 120 14.42 28.88 -17.92
C ASP D 120 13.27 29.80 -18.36
N TYR D 121 12.63 30.44 -17.38
CA TYR D 121 11.34 31.11 -17.60
C TYR D 121 11.55 32.55 -18.07
N GLY D 122 11.19 32.83 -19.32
CA GLY D 122 11.27 34.18 -19.84
C GLY D 122 12.64 34.80 -19.63
N ASN D 123 12.64 36.07 -19.21
CA ASN D 123 13.91 36.75 -18.96
C ASN D 123 14.44 36.54 -17.54
N GLU D 124 13.77 35.70 -16.74
CA GLU D 124 14.25 35.25 -15.42
C GLU D 124 14.43 36.40 -14.42
N ASP D 125 13.83 37.56 -14.67
CA ASP D 125 14.11 38.77 -13.91
C ASP D 125 12.92 39.03 -12.98
N ILE D 126 13.13 38.89 -11.67
CA ILE D 126 12.06 39.14 -10.71
C ILE D 126 12.12 40.54 -10.11
N SER D 127 12.93 41.45 -10.68
CA SER D 127 13.04 42.79 -10.13
C SER D 127 11.66 43.40 -9.91
N GLY D 128 11.52 44.08 -8.76
CA GLY D 128 10.25 44.64 -8.32
C GLY D 128 9.84 44.08 -6.97
N ASN D 129 8.57 44.25 -6.61
CA ASN D 129 8.06 43.67 -5.37
C ASN D 129 7.95 42.16 -5.50
N VAL D 130 8.40 41.44 -4.48
CA VAL D 130 8.33 39.99 -4.49
C VAL D 130 6.90 39.54 -4.75
N ASP D 131 5.93 40.33 -4.34
CA ASP D 131 4.54 39.95 -4.47
C ASP D 131 3.82 40.69 -5.59
N SER D 132 4.55 41.35 -6.50
CA SER D 132 3.87 41.90 -7.67
C SER D 132 4.70 41.92 -8.94
N PHE D 133 5.91 41.33 -8.97
CA PHE D 133 6.79 41.52 -10.11
C PHE D 133 6.17 41.02 -11.41
N TRP D 134 5.26 40.03 -11.32
CA TRP D 134 4.62 39.51 -12.52
C TRP D 134 3.50 40.40 -13.03
N LEU D 135 3.13 41.43 -12.26
CA LEU D 135 2.11 42.42 -12.63
C LEU D 135 2.73 43.75 -13.02
N ASP D 136 3.78 44.17 -12.33
CA ASP D 136 4.33 45.49 -12.60
C ASP D 136 5.84 45.58 -12.40
N GLY D 137 6.54 44.46 -12.40
CA GLY D 137 7.99 44.43 -12.25
C GLY D 137 8.71 44.17 -13.55
N GLY D 138 9.86 43.53 -13.42
CA GLY D 138 10.81 43.40 -14.51
C GLY D 138 10.71 42.15 -15.35
N ILE D 139 9.85 41.20 -14.97
CA ILE D 139 9.82 39.91 -15.65
C ILE D 139 9.08 40.04 -16.97
N ARG D 140 9.60 39.36 -18.00
CA ARG D 140 9.03 39.44 -19.35
C ARG D 140 9.12 38.05 -19.97
N ILE D 141 8.07 37.65 -20.70
CA ILE D 141 8.06 36.36 -21.36
C ILE D 141 7.27 36.49 -22.67
N SER D 142 7.75 35.83 -23.71
CA SER D 142 7.06 35.83 -24.99
C SER D 142 6.12 34.62 -25.09
N ALA D 143 5.26 34.65 -26.10
CA ALA D 143 4.38 33.52 -26.38
C ALA D 143 5.17 32.24 -26.68
N THR D 144 6.24 32.33 -27.48
CA THR D 144 7.02 31.12 -27.75
C THR D 144 7.73 30.65 -26.49
N GLU D 145 8.17 31.57 -25.64
CA GLU D 145 8.75 31.18 -24.37
C GLU D 145 7.73 30.55 -23.43
N GLN D 146 6.47 31.00 -23.46
CA GLN D 146 5.44 30.31 -22.68
C GLN D 146 5.34 28.86 -23.10
N ILE D 147 5.29 28.64 -24.41
CA ILE D 147 5.19 27.28 -24.91
C ILE D 147 6.38 26.43 -24.45
N SER D 148 7.61 26.97 -24.53
CA SER D 148 8.74 26.17 -24.12
C SER D 148 8.59 25.74 -22.68
N PHE D 149 8.13 26.65 -21.82
CA PHE D 149 7.96 26.34 -20.41
C PHE D 149 6.84 25.32 -20.22
N LEU D 150 5.73 25.48 -20.94
CA LEU D 150 4.61 24.58 -20.80
C LEU D 150 4.96 23.17 -21.26
N ARG D 151 5.79 23.03 -22.31
CA ARG D 151 6.20 21.70 -22.75
C ARG D 151 6.94 20.96 -21.64
N LYS D 152 7.84 21.66 -20.93
CA LYS D 152 8.53 21.02 -19.82
C LYS D 152 7.55 20.55 -18.77
N LEU D 153 6.57 21.39 -18.42
CA LEU D 153 5.54 21.01 -17.45
C LEU D 153 4.77 19.78 -17.92
N TYR D 154 4.34 19.77 -19.18
CA TYR D 154 3.57 18.63 -19.68
C TYR D 154 4.34 17.33 -19.50
N HIS D 155 5.64 17.35 -19.75
CA HIS D 155 6.47 16.14 -19.70
C HIS D 155 7.07 15.87 -18.32
N ASN D 156 6.67 16.61 -17.30
CA ASN D 156 7.20 16.46 -15.94
C ASN D 156 8.72 16.70 -15.89
N LYS D 157 9.22 17.57 -16.75
CA LYS D 157 10.64 17.79 -16.89
C LYS D 157 11.14 19.00 -16.10
N LEU D 158 10.26 19.76 -15.46
CA LEU D 158 10.73 20.89 -14.68
C LEU D 158 11.41 20.38 -13.41
N HIS D 159 12.26 21.24 -12.82
CA HIS D 159 13.00 20.86 -11.63
C HIS D 159 12.20 21.12 -10.36
N VAL D 160 11.04 20.47 -10.31
CA VAL D 160 10.25 20.32 -9.10
C VAL D 160 9.74 18.88 -9.11
N SER D 161 9.09 18.47 -8.02
CA SER D 161 8.65 17.09 -7.90
C SER D 161 7.61 16.75 -8.95
N GLU D 162 7.54 15.47 -9.29
CA GLU D 162 6.48 14.99 -10.18
C GLU D 162 5.11 15.34 -9.62
N ARG D 163 4.93 15.13 -8.31
CA ARG D 163 3.66 15.44 -7.67
C ARG D 163 3.26 16.90 -7.87
N SER D 164 4.21 17.82 -7.70
CA SER D 164 3.86 19.23 -7.88
C SER D 164 3.38 19.50 -9.29
N GLN D 165 4.07 18.91 -10.28
CA GLN D 165 3.67 19.11 -11.68
C GLN D 165 2.29 18.51 -11.93
N ARG D 166 2.02 17.33 -11.38
CA ARG D 166 0.71 16.71 -11.57
C ARG D 166 -0.39 17.57 -10.97
N ILE D 167 -0.18 18.09 -9.77
CA ILE D 167 -1.20 18.90 -9.10
C ILE D 167 -1.48 20.19 -9.88
N VAL D 168 -0.44 20.88 -10.37
CA VAL D 168 -0.66 22.10 -11.14
C VAL D 168 -1.41 21.81 -12.43
N LYS D 169 -1.08 20.69 -13.10
CA LYS D 169 -1.81 20.40 -14.33
C LYS D 169 -3.28 20.08 -14.05
N GLN D 170 -3.56 19.43 -12.92
CA GLN D 170 -4.95 19.27 -12.49
C GLN D 170 -5.61 20.63 -12.31
N ALA D 171 -4.91 21.56 -11.65
CA ALA D 171 -5.46 22.86 -11.33
C ALA D 171 -5.60 23.74 -12.57
N MET D 172 -4.90 23.43 -13.65
CA MET D 172 -5.05 24.14 -14.91
C MET D 172 -6.22 23.66 -15.73
N LEU D 173 -6.90 22.58 -15.31
CA LEU D 173 -7.99 22.06 -16.11
C LEU D 173 -9.01 23.15 -16.37
N THR D 174 -9.33 23.37 -17.65
CA THR D 174 -10.26 24.41 -18.09
C THR D 174 -11.48 23.86 -18.78
N GLU D 175 -11.31 22.93 -19.71
CA GLU D 175 -12.42 22.38 -20.45
C GLU D 175 -12.07 20.95 -20.82
N ALA D 176 -13.08 20.08 -20.86
CA ALA D 176 -12.86 18.71 -21.32
C ALA D 176 -14.16 18.16 -21.84
N ASN D 177 -14.06 17.35 -22.89
CA ASN D 177 -15.20 16.67 -23.46
C ASN D 177 -14.65 15.50 -24.26
N GLY D 178 -15.51 14.84 -25.05
CA GLY D 178 -15.09 13.67 -25.79
C GLY D 178 -14.13 13.95 -26.94
N ASP D 179 -13.87 15.22 -27.25
CA ASP D 179 -13.03 15.59 -28.39
C ASP D 179 -11.68 16.14 -27.98
N TYR D 180 -11.59 16.82 -26.83
CA TYR D 180 -10.34 17.44 -26.41
C TYR D 180 -10.34 17.74 -24.92
N ILE D 181 -9.13 17.98 -24.39
CA ILE D 181 -8.91 18.50 -23.05
C ILE D 181 -8.07 19.76 -23.17
N ILE D 182 -8.51 20.85 -22.53
CA ILE D 182 -7.71 22.07 -22.48
C ILE D 182 -7.27 22.31 -21.03
N ARG D 183 -5.97 22.42 -20.85
CA ARG D 183 -5.35 22.87 -19.62
C ARG D 183 -4.66 24.19 -19.93
N ALA D 184 -4.95 25.23 -19.13
CA ALA D 184 -4.55 26.58 -19.56
C ALA D 184 -4.69 27.54 -18.40
N LYS D 185 -4.15 28.75 -18.60
CA LYS D 185 -4.32 29.83 -17.64
C LYS D 185 -4.39 31.14 -18.42
N THR D 186 -5.34 31.98 -18.03
CA THR D 186 -5.50 33.32 -18.58
C THR D 186 -4.60 34.32 -17.85
N GLY D 187 -4.36 35.43 -18.52
CA GLY D 187 -3.69 36.56 -17.89
C GLY D 187 -4.18 37.87 -18.45
N TYR D 188 -4.08 38.92 -17.64
CA TYR D 188 -4.55 40.25 -18.04
C TYR D 188 -3.55 41.24 -17.46
N SER D 189 -2.76 41.90 -18.32
CA SER D 189 -1.74 42.82 -17.87
C SER D 189 -2.20 44.26 -18.13
N THR D 190 -2.49 45.02 -17.07
CA THR D 190 -2.97 46.39 -17.19
C THR D 190 -2.06 47.45 -16.58
N ARG D 191 -1.11 47.07 -15.71
CA ARG D 191 -0.44 48.06 -14.86
C ARG D 191 0.66 48.80 -15.58
N ILE D 192 1.27 48.17 -16.59
CA ILE D 192 2.30 48.76 -17.41
C ILE D 192 1.89 48.54 -18.86
N GLU D 193 2.04 49.58 -19.68
CA GLU D 193 1.65 49.47 -21.09
C GLU D 193 2.57 48.52 -21.85
N PRO D 194 2.05 47.85 -22.89
CA PRO D 194 0.68 47.92 -23.43
C PRO D 194 -0.24 46.98 -22.66
N LYS D 195 -1.50 47.38 -22.47
CA LYS D 195 -2.45 46.48 -21.83
C LYS D 195 -2.76 45.32 -22.77
N ILE D 196 -2.60 44.10 -22.27
CA ILE D 196 -2.79 42.89 -23.07
C ILE D 196 -3.52 41.85 -22.26
N GLY D 197 -4.11 40.92 -22.99
CA GLY D 197 -4.62 39.69 -22.43
C GLY D 197 -3.84 38.51 -22.99
N TRP D 198 -3.73 37.45 -22.18
CA TRP D 198 -3.04 36.22 -22.51
C TRP D 198 -3.98 35.04 -22.34
N TRP D 199 -3.75 33.98 -23.13
CA TRP D 199 -4.21 32.65 -22.77
C TRP D 199 -3.12 31.69 -23.20
N VAL D 200 -2.64 30.87 -22.27
CA VAL D 200 -1.57 29.90 -22.57
C VAL D 200 -1.95 28.55 -21.99
N GLY D 201 -1.51 27.49 -22.65
CA GLY D 201 -1.80 26.13 -22.20
C GLY D 201 -1.64 25.14 -23.34
N TRP D 202 -2.46 24.11 -23.31
CA TRP D 202 -2.39 23.11 -24.37
C TRP D 202 -3.73 22.41 -24.53
N VAL D 203 -3.88 21.80 -25.71
CA VAL D 203 -5.03 20.98 -26.07
C VAL D 203 -4.51 19.56 -26.17
N GLU D 204 -5.05 18.66 -25.33
CA GLU D 204 -4.73 17.24 -25.41
C GLU D 204 -5.70 16.58 -26.35
N LEU D 205 -5.18 15.92 -27.37
CA LEU D 205 -5.94 15.05 -28.25
C LEU D 205 -5.57 13.61 -27.94
N ASP D 206 -6.29 12.68 -28.58
CA ASP D 206 -6.01 11.26 -28.36
C ASP D 206 -4.55 10.94 -28.69
N ASP D 207 -4.01 11.53 -29.75
CA ASP D 207 -2.72 11.10 -30.29
C ASP D 207 -1.71 12.22 -30.43
N ASN D 208 -1.98 13.40 -29.89
CA ASN D 208 -1.06 14.52 -30.02
C ASN D 208 -1.41 15.53 -28.95
N VAL D 209 -0.51 16.48 -28.74
CA VAL D 209 -0.81 17.64 -27.93
C VAL D 209 -0.39 18.88 -28.70
N TRP D 210 -1.30 19.84 -28.75
CA TRP D 210 -1.06 21.14 -29.36
C TRP D 210 -0.89 22.14 -28.23
N PHE D 211 0.32 22.65 -28.07
CA PHE D 211 0.57 23.73 -27.14
C PHE D 211 0.18 25.05 -27.79
N PHE D 212 -0.26 26.00 -26.98
CA PHE D 212 -0.65 27.29 -27.51
C PHE D 212 -0.30 28.40 -26.53
N ALA D 213 -0.07 29.57 -27.10
CA ALA D 213 0.04 30.79 -26.32
C ALA D 213 -0.44 31.92 -27.22
N MET D 214 -1.36 32.71 -26.70
CA MET D 214 -1.87 33.87 -27.41
C MET D 214 -1.78 35.09 -26.51
N ASN D 215 -1.52 36.25 -27.11
CA ASN D 215 -1.83 37.51 -26.43
C ASN D 215 -2.45 38.47 -27.42
N MET D 216 -3.17 39.44 -26.90
CA MET D 216 -3.87 40.40 -27.74
C MET D 216 -3.96 41.71 -26.98
N ASP D 217 -4.04 42.80 -27.73
CA ASP D 217 -4.25 44.09 -27.09
C ASP D 217 -5.59 44.10 -26.36
N MET D 218 -5.60 44.68 -25.16
CA MET D 218 -6.78 44.66 -24.29
C MET D 218 -6.98 46.06 -23.70
N PRO D 219 -7.46 47.01 -24.51
CA PRO D 219 -7.61 48.39 -24.00
C PRO D 219 -8.65 48.54 -22.90
N THR D 220 -9.69 47.69 -22.86
CA THR D 220 -10.63 47.62 -21.75
C THR D 220 -10.91 46.16 -21.42
N SER D 221 -11.57 45.95 -20.27
CA SER D 221 -11.88 44.59 -19.85
C SER D 221 -13.03 43.97 -20.65
N ASP D 222 -13.74 44.74 -21.48
CA ASP D 222 -14.84 44.19 -22.26
C ASP D 222 -14.40 43.05 -23.18
N GLY D 223 -13.13 42.99 -23.55
CA GLY D 223 -12.67 42.00 -24.51
C GLY D 223 -12.08 40.74 -23.94
N LEU D 224 -12.17 40.52 -22.63
CA LEU D 224 -11.44 39.40 -22.02
C LEU D 224 -11.86 38.07 -22.61
N GLY D 225 -13.15 37.91 -22.93
CA GLY D 225 -13.59 36.64 -23.47
C GLY D 225 -13.02 36.33 -24.83
N LEU D 226 -12.45 37.33 -25.51
CA LEU D 226 -11.83 37.10 -26.81
C LEU D 226 -10.54 36.29 -26.70
N ARG D 227 -9.87 36.34 -25.55
CA ARG D 227 -8.66 35.53 -25.38
C ARG D 227 -8.93 34.08 -25.72
N GLN D 228 -10.01 33.50 -25.14
CA GLN D 228 -10.36 32.12 -25.45
C GLN D 228 -11.05 32.00 -26.81
N ALA D 229 -11.93 32.96 -27.14
CA ALA D 229 -12.75 32.80 -28.34
C ALA D 229 -11.89 32.82 -29.59
N ILE D 230 -10.94 33.75 -29.67
CA ILE D 230 -10.10 33.84 -30.87
C ILE D 230 -9.19 32.62 -30.98
N THR D 231 -8.63 32.19 -29.86
CA THR D 231 -7.84 30.94 -29.87
C THR D 231 -8.66 29.78 -30.41
N LYS D 232 -9.90 29.62 -29.92
CA LYS D 232 -10.72 28.51 -30.37
C LYS D 232 -11.05 28.62 -31.84
N GLU D 233 -11.28 29.84 -32.35
CA GLU D 233 -11.49 30.02 -33.78
C GLU D 233 -10.28 29.53 -34.57
N VAL D 234 -9.08 29.81 -34.07
CA VAL D 234 -7.87 29.30 -34.74
C VAL D 234 -7.78 27.77 -34.65
N LEU D 235 -8.06 27.22 -33.46
CA LEU D 235 -8.01 25.77 -33.31
C LEU D 235 -9.01 25.09 -34.22
N LYS D 236 -10.22 25.68 -34.36
CA LYS D 236 -11.22 25.10 -35.25
C LYS D 236 -10.78 25.19 -36.71
N GLN D 237 -10.25 26.33 -37.13
CA GLN D 237 -9.78 26.47 -38.50
C GLN D 237 -8.72 25.42 -38.83
N GLU D 238 -7.84 25.13 -37.87
CA GLU D 238 -6.76 24.18 -38.09
C GLU D 238 -7.20 22.74 -37.87
N LYS D 239 -8.48 22.51 -37.60
CA LYS D 239 -9.03 21.16 -37.45
C LYS D 239 -8.52 20.45 -36.20
N ILE D 240 -8.11 21.22 -35.19
CA ILE D 240 -7.63 20.64 -33.95
C ILE D 240 -8.79 20.31 -33.05
N ILE D 241 -9.79 21.18 -33.03
CA ILE D 241 -11.05 20.92 -32.33
C ILE D 241 -12.16 21.05 -33.35
N PRO D 242 -13.30 20.39 -33.12
CA PRO D 242 -14.43 20.51 -34.06
C PRO D 242 -15.18 21.83 -33.93
C18 A1EIQ E . 20.13 -28.52 3.99
C15 A1EIQ E . 21.50 -26.48 3.88
C10 A1EIQ E . 20.65 -26.95 -1.11
C14 A1EIQ E . 20.96 -27.77 3.30
C01 A1EIQ E . 21.80 -29.63 1.81
C02 A1EIQ E . 21.38 -28.14 1.87
C03 A1EIQ E . 20.22 -27.91 0.96
C04 A1EIQ E . 20.53 -28.13 -0.49
C05 A1EIQ E . 20.68 -29.32 -1.21
C06 A1EIQ E . 20.97 -29.27 -2.55
C07 A1EIQ E . 21.11 -28.05 -3.19
F08 A1EIQ E . 21.41 -28.03 -4.53
C09 A1EIQ E . 20.97 -26.87 -2.48
B11 A1EIQ E . 20.47 -25.87 -0.04
O12 A1EIQ E . 21.39 -24.96 0.36
O13 A1EIQ E . 19.84 -26.52 1.02
O16 A1EIQ E . 21.29 -26.20 5.10
O17 A1EIQ E . 22.19 -25.71 3.16
H182 A1EIQ E . 19.81 -29.31 3.62
H181 A1EIQ E . 19.90 -28.28 4.85
H012 A1EIQ E . 22.39 -29.77 1.05
H013 A1EIQ E . 21.02 -30.19 1.73
H011 A1EIQ E . 22.27 -29.86 2.63
H021 A1EIQ E . 22.12 -27.59 1.59
H031 A1EIQ E . 19.46 -28.46 1.22
H051 A1EIQ E . 20.58 -30.15 -0.79
H061 A1EIQ E . 21.07 -30.05 -3.04
H091 A1EIQ E . 21.07 -26.05 -2.91
H121 A1EIQ E . 21.55 -24.42 -0.27
C18 A1EIQ F . 6.39 -11.06 34.85
C15 A1EIQ F . 4.94 -13.05 34.88
C10 A1EIQ F . 1.36 -9.55 36.22
C14 A1EIQ F . 5.30 -11.64 35.32
C01 A1EIQ F . 5.21 -10.35 37.48
C02 A1EIQ F . 4.37 -10.94 36.32
C03 A1EIQ F . 3.58 -9.88 35.62
C04 A1EIQ F . 2.59 -9.14 36.48
C05 A1EIQ F . 2.81 -8.14 37.41
C06 A1EIQ F . 1.74 -7.58 38.07
C07 A1EIQ F . 0.48 -8.01 37.82
F08 A1EIQ F . -0.55 -7.42 38.49
C09 A1EIQ F . 0.23 -8.99 36.89
B11 A1EIQ F . 1.47 -10.67 35.17
O12 A1EIQ F . 1.08 -11.96 35.34
O13 A1EIQ F . 2.75 -10.51 34.61
O16 A1EIQ F . 3.82 -13.50 35.27
O17 A1EIQ F . 5.74 -13.71 34.16
H182 A1EIQ F . 6.60 -10.20 35.12
H181 A1EIQ F . 6.93 -11.51 34.25
H012 A1EIQ F . 5.93 -10.95 37.70
H013 A1EIQ F . 4.64 -10.22 38.26
H011 A1EIQ F . 5.57 -9.49 37.21
H021 A1EIQ F . 3.75 -11.60 36.68
H031 A1EIQ F . 4.19 -9.24 35.20
H051 A1EIQ F . 3.66 -7.83 37.59
H061 A1EIQ F . 1.89 -6.91 38.69
H091 A1EIQ F . -0.63 -9.28 36.72
H121 A1EIQ F . 0.27 -11.99 35.57
C18 A1EIQ G . -17.72 1.55 -24.68
C15 A1EIQ G . -19.15 1.60 -22.67
C10 A1EIQ G . -17.27 -3.26 -22.28
C14 A1EIQ G . -18.45 0.88 -23.80
C01 A1EIQ G . -19.08 -1.04 -25.27
C02 A1EIQ G . -18.62 -0.65 -23.86
C03 A1EIQ G . -17.32 -1.27 -23.45
C04 A1EIQ G . -17.29 -2.77 -23.52
C05 A1EIQ G . -17.22 -3.64 -24.61
C06 A1EIQ G . -17.17 -4.98 -24.43
C07 A1EIQ G . -17.15 -5.49 -23.15
F08 A1EIQ G . -17.09 -6.85 -22.98
C09 A1EIQ G . -17.22 -4.67 -22.06
B11 A1EIQ G . -17.37 -2.06 -21.32
O12 A1EIQ G . -18.41 -1.81 -20.49
O13 A1EIQ G . -17.00 -0.94 -22.09
O16 A1EIQ G . -19.14 2.85 -22.65
O17 A1EIQ G . -19.74 0.92 -21.79
H182 A1EIQ G . -17.64 2.48 -24.61
H181 A1EIQ G . -17.29 1.10 -25.36
H012 A1EIQ G . -19.51 -1.92 -25.24
H013 A1EIQ G . -18.32 -1.07 -25.87
H011 A1EIQ G . -19.73 -0.39 -25.60
H021 A1EIQ G . -19.31 -0.90 -23.22
H031 A1EIQ G . -16.62 -0.92 -24.03
H051 A1EIQ G . -17.22 -3.28 -25.47
H061 A1EIQ G . -17.12 -5.56 -25.15
H091 A1EIQ G . -17.22 -5.02 -21.19
H121 A1EIQ G . -18.56 -2.49 -19.99
C18 A1EIQ H . -9.64 37.02 -14.02
C15 A1EIQ H . -8.12 36.83 -15.93
C10 A1EIQ H . -4.93 39.44 -12.99
C14 A1EIQ H . -8.60 37.50 -14.67
C01 A1EIQ H . -8.87 39.85 -13.84
C02 A1EIQ H . -7.85 38.77 -14.20
C03 A1EIQ H . -6.99 38.45 -13.02
C04 A1EIQ H . -6.17 39.60 -12.54
C05 A1EIQ H . -6.50 40.71 -11.76
C06 A1EIQ H . -5.52 41.64 -11.46
C07 A1EIQ H . -4.26 41.46 -11.93
F08 A1EIQ H . -3.30 42.40 -11.62
C09 A1EIQ H . -3.92 40.38 -12.69
B11 A1EIQ H . -4.90 38.14 -13.86
O12 A1EIQ H . -4.59 37.99 -15.17
O13 A1EIQ H . -6.04 37.43 -13.45
O16 A1EIQ H . -7.05 37.23 -16.47
O17 A1EIQ H . -8.78 35.88 -16.43
H182 A1EIQ H . -10.08 36.26 -14.34
H181 A1EIQ H . -9.94 37.44 -13.25
H012 A1EIQ H . -9.63 39.79 -14.43
H013 A1EIQ H . -9.17 39.72 -12.92
H011 A1EIQ H . -8.45 40.72 -13.92
H021 A1EIQ H . -7.28 39.08 -14.93
H031 A1EIQ H . -7.53 38.10 -12.29
H051 A1EIQ H . -7.36 40.81 -11.44
H061 A1EIQ H . -5.73 42.38 -10.94
H091 A1EIQ H . -3.06 40.27 -13.01
H121 A1EIQ H . -3.75 38.07 -15.27
#